data_7H7X
#
_entry.id   7H7X
#
_cell.length_a   87.241
_cell.length_b   87.241
_cell.length_c   85.302
_cell.angle_alpha   90.00
_cell.angle_beta   90.00
_cell.angle_gamma   120.00
#
_symmetry.space_group_name_H-M   'P 31'
#
loop_
_entity.id
_entity.type
_entity.pdbx_description
1 polymer 'Non-structural protein 3'
2 non-polymer 'DIMETHYL SULFOXIDE'
3 non-polymer 2-AMINO-2-HYDROXYMETHYL-PROPANE-1,3-DIOL
4 non-polymer 'CHLORIDE ION'
5 non-polymer 4-bromo-1-(2-hydroxyethyl)pyridin-2(1H)-one
6 water water
#
_entity_poly.entity_id   1
_entity_poly.type   'polypeptide(L)'
_entity_poly.pdbx_seq_one_letter_code
;GAMAPSYRVKRMDIAKNDEECVVNAANPRGLPGDGVCKAVYKKWPESFKNSATPVGTAKTVMCGTYPVIHAVGPNFSNYT
ESEGDRELAAAYREVAKEVTRLGVNSVAIPLLSTGVYSGGKDRLTQSLNHLFTAMDSTDADVVIYCRDKEWEKKISEAIQ
MRT
;
_entity_poly.pdbx_strand_id   A,B,C,D
#
loop_
_chem_comp.id
_chem_comp.type
_chem_comp.name
_chem_comp.formula
CL non-polymer 'CHLORIDE ION' 'Cl -1'
DMS non-polymer 'DIMETHYL SULFOXIDE' 'C2 H6 O S'
TRS non-polymer 2-AMINO-2-HYDROXYMETHYL-PROPANE-1,3-DIOL 'C4 H12 N O3 1'
UUS non-polymer 4-bromo-1-(2-hydroxyethyl)pyridin-2(1H)-one 'C7 H8 Br N O2'
#
# COMPACT_ATOMS: atom_id res chain seq x y z
N GLY A 1 6.75 23.08 -4.92
CA GLY A 1 7.71 23.45 -3.80
C GLY A 1 6.99 23.60 -2.47
N ALA A 2 7.74 23.59 -1.35
CA ALA A 2 7.21 23.94 -0.01
C ALA A 2 7.01 25.46 0.08
N MET A 3 6.02 25.93 0.85
CA MET A 3 5.73 27.39 0.92
C MET A 3 6.93 28.15 1.50
N ALA A 4 7.63 27.54 2.45
CA ALA A 4 8.78 28.16 3.15
C ALA A 4 9.82 27.05 3.38
N PRO A 5 10.52 26.64 2.32
CA PRO A 5 11.38 25.47 2.39
C PRO A 5 12.29 25.48 3.62
N SER A 6 12.37 24.34 4.32
CA SER A 6 13.04 24.25 5.63
C SER A 6 13.96 23.03 5.65
N TYR A 7 14.83 23.03 6.64
CA TYR A 7 15.58 21.84 7.09
C TYR A 7 15.14 21.50 8.50
N ARG A 8 14.94 20.21 8.75
CA ARG A 8 14.61 19.69 10.09
C ARG A 8 15.44 18.43 10.29
N VAL A 9 15.57 18.03 11.54
CA VAL A 9 16.22 16.75 11.86
C VAL A 9 15.34 15.97 12.82
N LYS A 10 15.25 14.66 12.60
CA LYS A 10 14.54 13.75 13.50
C LYS A 10 15.43 12.56 13.83
N ARG A 11 15.38 12.13 15.08
CA ARG A 11 16.11 10.93 15.55
C ARG A 11 15.12 9.77 15.59
N MET A 12 15.06 9.02 14.51
CA MET A 12 14.16 7.85 14.36
C MET A 12 14.52 7.16 13.05
N ASP A 13 13.92 6.01 12.86
CA ASP A 13 14.05 5.18 11.65
C ASP A 13 13.45 5.91 10.45
N ILE A 14 14.28 6.15 9.42
CA ILE A 14 13.84 6.80 8.15
C ILE A 14 12.75 5.97 7.45
N ALA A 15 12.67 4.66 7.69
CA ALA A 15 11.56 3.82 7.19
C ALA A 15 10.18 4.27 7.71
N LYS A 16 10.09 5.08 8.77
CA LYS A 16 8.82 5.62 9.33
C LYS A 16 8.65 7.11 8.98
N ASN A 17 9.34 7.62 7.94
CA ASN A 17 9.32 9.07 7.65
C ASN A 17 7.93 9.56 7.25
N ASP A 18 7.73 10.85 7.38
CA ASP A 18 6.48 11.55 7.04
C ASP A 18 6.69 12.45 5.85
N GLU A 19 7.58 12.08 4.92
CA GLU A 19 7.90 12.89 3.73
C GLU A 19 7.40 12.21 2.44
N GLU A 20 7.41 12.94 1.35
CA GLU A 20 6.82 12.46 0.07
C GLU A 20 7.75 11.51 -0.69
N CYS A 21 8.99 11.40 -0.25
CA CYS A 21 9.98 10.45 -0.80
C CYS A 21 11.14 10.26 0.18
N VAL A 22 11.90 9.19 -0.06
CA VAL A 22 13.01 8.81 0.82
C VAL A 22 14.28 8.64 0.00
N VAL A 23 15.41 9.05 0.59
CA VAL A 23 16.75 8.72 0.06
C VAL A 23 17.28 7.51 0.83
N ASN A 24 17.63 6.46 0.10
CA ASN A 24 18.31 5.28 0.64
C ASN A 24 19.82 5.53 0.62
N ALA A 25 20.52 5.26 1.71
CA ALA A 25 21.99 5.16 1.74
C ALA A 25 22.38 3.79 1.17
N ALA A 26 22.32 3.68 -0.15
CA ALA A 26 22.43 2.44 -0.92
C ALA A 26 23.86 1.97 -1.07
N ASN A 27 23.97 0.71 -1.42
CA ASN A 27 25.22 0.19 -1.98
C ASN A 27 25.12 0.19 -3.49
N PRO A 28 26.26 0.09 -4.19
CA PRO A 28 26.24 0.16 -5.65
C PRO A 28 25.54 -1.00 -6.37
N ARG A 29 25.34 -2.11 -5.67
CA ARG A 29 24.85 -3.36 -6.28
C ARG A 29 23.38 -3.55 -6.04
N GLY A 30 22.69 -2.61 -5.37
CA GLY A 30 21.27 -2.81 -5.12
C GLY A 30 20.99 -3.94 -4.16
N LEU A 31 21.93 -4.23 -3.26
CA LEU A 31 21.75 -5.32 -2.28
C LEU A 31 21.05 -4.79 -1.05
N PRO A 32 20.33 -5.66 -0.30
CA PRO A 32 19.65 -5.25 0.93
C PRO A 32 20.56 -4.55 1.93
N GLY A 33 21.84 -4.96 2.04
CA GLY A 33 22.83 -4.24 2.87
C GLY A 33 22.54 -4.29 4.36
N ASP A 34 22.99 -3.28 5.10
CA ASP A 34 22.72 -3.14 6.56
C ASP A 34 22.34 -1.70 6.89
N GLY A 35 21.99 -1.45 8.14
CA GLY A 35 21.68 -0.08 8.62
C GLY A 35 20.48 0.51 7.89
N VAL A 36 20.58 1.78 7.45
CA VAL A 36 19.48 2.47 6.71
C VAL A 36 19.04 1.60 5.53
N CYS A 37 19.99 1.04 4.78
CA CYS A 37 19.73 0.28 3.54
C CYS A 37 18.84 -0.93 3.85
N LYS A 38 19.13 -1.66 4.94
CA LYS A 38 18.30 -2.84 5.33
C LYS A 38 16.89 -2.40 5.76
N ALA A 39 16.75 -1.30 6.48
CA ALA A 39 15.43 -0.76 6.92
C ALA A 39 14.64 -0.39 5.67
N VAL A 40 15.31 0.22 4.69
CA VAL A 40 14.66 0.65 3.43
C VAL A 40 14.24 -0.60 2.67
N TYR A 41 15.10 -1.64 2.62
CA TYR A 41 14.76 -2.89 1.91
C TYR A 41 13.53 -3.55 2.56
N LYS A 42 13.44 -3.53 3.87
CA LYS A 42 12.29 -4.19 4.55
C LYS A 42 11.00 -3.41 4.28
N LYS A 43 11.08 -2.09 4.19
CA LYS A 43 9.89 -1.21 4.07
C LYS A 43 9.46 -1.10 2.60
N TRP A 44 10.41 -1.01 1.67
CA TRP A 44 10.14 -0.75 0.24
C TRP A 44 10.90 -1.75 -0.63
N PRO A 45 10.76 -3.06 -0.45
CA PRO A 45 11.60 -4.01 -1.18
C PRO A 45 11.44 -3.91 -2.70
N GLU A 46 10.25 -3.53 -3.17
CA GLU A 46 9.94 -3.38 -4.59
C GLU A 46 10.88 -2.35 -5.24
N SER A 47 11.37 -1.41 -4.44
CA SER A 47 12.21 -0.30 -4.96
C SER A 47 13.61 -0.81 -5.29
N PHE A 48 13.94 -2.06 -5.00
CA PHE A 48 15.30 -2.56 -5.28
C PHE A 48 15.38 -3.31 -6.61
N LYS A 49 14.30 -3.28 -7.40
CA LYS A 49 14.36 -3.78 -8.80
C LYS A 49 15.26 -2.86 -9.63
N ASN A 50 16.43 -3.35 -10.08
CA ASN A 50 17.34 -2.56 -10.95
C ASN A 50 17.70 -1.24 -10.28
N SER A 51 17.95 -1.29 -8.98
CA SER A 51 18.43 -0.10 -8.24
C SER A 51 19.97 0.03 -8.27
N ALA A 52 20.73 -0.98 -8.69
CA ALA A 52 22.21 -0.91 -8.76
C ALA A 52 22.62 0.32 -9.57
N THR A 53 23.59 1.08 -9.08
CA THR A 53 24.04 2.34 -9.68
C THR A 53 25.44 2.63 -9.14
N PRO A 54 26.30 3.36 -9.88
CA PRO A 54 27.67 3.56 -9.41
C PRO A 54 27.78 4.48 -8.21
N VAL A 55 28.95 4.45 -7.62
CA VAL A 55 29.31 5.39 -6.54
C VAL A 55 29.15 6.81 -7.08
N GLY A 56 28.60 7.71 -6.25
CA GLY A 56 28.49 9.13 -6.61
C GLY A 56 27.24 9.45 -7.40
N THR A 57 26.36 8.49 -7.57
CA THR A 57 25.11 8.65 -8.34
C THR A 57 23.89 8.34 -7.49
N ALA A 58 22.71 8.70 -8.01
CA ALA A 58 21.43 8.37 -7.38
C ALA A 58 20.54 7.81 -8.46
N LYS A 59 19.78 6.82 -8.11
CA LYS A 59 18.83 6.18 -9.05
C LYS A 59 17.53 5.99 -8.31
N THR A 60 16.44 6.52 -8.86
CA THR A 60 15.13 6.43 -8.21
C THR A 60 14.36 5.23 -8.77
N VAL A 61 13.73 4.48 -7.89
CA VAL A 61 12.80 3.37 -8.23
C VAL A 61 11.57 3.56 -7.37
N MET A 62 10.41 3.47 -8.01
N MET A 62 10.41 3.52 -8.02
CA MET A 62 9.10 3.67 -7.34
CA MET A 62 9.10 3.65 -7.34
C MET A 62 8.73 2.40 -6.57
C MET A 62 8.81 2.38 -6.52
N CYS A 63 8.22 2.56 -5.35
CA CYS A 63 7.53 1.48 -4.62
C CYS A 63 6.05 1.89 -4.60
N GLY A 64 5.22 1.32 -5.49
CA GLY A 64 3.90 1.91 -5.75
C GLY A 64 4.06 3.24 -6.42
N THR A 65 3.61 4.32 -5.81
CA THR A 65 3.87 5.68 -6.26
C THR A 65 4.84 6.41 -5.33
N TYR A 66 5.46 5.71 -4.39
CA TYR A 66 6.39 6.34 -3.41
C TYR A 66 7.81 6.22 -3.93
N PRO A 67 8.51 7.34 -4.23
CA PRO A 67 9.86 7.28 -4.78
C PRO A 67 10.95 7.01 -3.74
N VAL A 68 11.79 6.03 -4.05
CA VAL A 68 12.98 5.67 -3.26
C VAL A 68 14.17 6.08 -4.11
N ILE A 69 14.94 7.07 -3.63
CA ILE A 69 16.10 7.62 -4.35
C ILE A 69 17.32 6.87 -3.76
N HIS A 70 17.86 5.91 -4.47
CA HIS A 70 19.05 5.13 -4.04
C HIS A 70 20.27 5.96 -4.31
N ALA A 71 20.86 6.51 -3.25
CA ALA A 71 22.05 7.39 -3.37
C ALA A 71 23.28 6.64 -2.84
N VAL A 72 24.28 6.50 -3.70
CA VAL A 72 25.48 5.67 -3.36
C VAL A 72 26.67 6.55 -2.97
N GLY A 73 26.86 6.71 -1.68
CA GLY A 73 28.01 7.42 -1.15
C GLY A 73 29.21 6.49 -1.21
N PRO A 74 30.41 7.07 -1.21
CA PRO A 74 31.63 6.28 -1.24
C PRO A 74 31.87 5.56 0.10
N ASN A 75 32.53 4.41 0.01
CA ASN A 75 33.00 3.72 1.24
C ASN A 75 34.42 4.21 1.47
N PHE A 76 34.63 4.98 2.51
CA PHE A 76 35.92 5.67 2.78
C PHE A 76 36.97 4.62 3.20
N SER A 77 36.57 3.38 3.42
CA SER A 77 37.57 2.27 3.54
C SER A 77 38.34 2.07 2.23
N ASN A 78 37.67 2.33 1.10
CA ASN A 78 38.14 2.00 -0.27
C ASN A 78 38.71 3.24 -0.97
N TYR A 79 38.15 4.45 -0.72
CA TYR A 79 38.51 5.72 -1.39
C TYR A 79 39.57 6.43 -0.54
N THR A 80 40.43 7.19 -1.18
CA THR A 80 41.26 8.24 -0.52
C THR A 80 40.33 9.32 0.03
N GLU A 81 40.78 10.06 1.04
CA GLU A 81 39.94 11.18 1.59
C GLU A 81 39.51 12.11 0.46
N SER A 82 40.41 12.44 -0.46
CA SER A 82 40.16 13.40 -1.56
C SER A 82 39.08 12.85 -2.50
N GLU A 83 39.26 11.63 -2.98
CA GLU A 83 38.34 11.02 -3.97
C GLU A 83 36.99 10.75 -3.31
N GLY A 84 37.01 10.32 -2.06
CA GLY A 84 35.81 10.00 -1.29
C GLY A 84 35.01 11.27 -1.09
N ASP A 85 35.70 12.35 -0.75
CA ASP A 85 35.02 13.65 -0.59
C ASP A 85 34.32 14.04 -1.88
N ARG A 86 35.01 13.90 -3.04
CA ARG A 86 34.46 14.27 -4.35
C ARG A 86 33.18 13.44 -4.63
N GLU A 87 33.26 12.14 -4.39
CA GLU A 87 32.12 11.24 -4.73
C GLU A 87 30.97 11.52 -3.76
N LEU A 88 31.25 11.89 -2.51
CA LEU A 88 30.18 12.11 -1.50
C LEU A 88 29.42 13.39 -1.90
N ALA A 89 30.15 14.43 -2.26
CA ALA A 89 29.52 15.65 -2.80
C ALA A 89 28.71 15.33 -4.06
N ALA A 90 29.22 14.50 -4.96
CA ALA A 90 28.52 14.18 -6.20
C ALA A 90 27.21 13.43 -5.89
N ALA A 91 27.24 12.42 -5.00
CA ALA A 91 26.02 11.67 -4.67
C ALA A 91 24.92 12.66 -4.26
N TYR A 92 25.22 13.60 -3.38
CA TYR A 92 24.18 14.58 -2.96
C TYR A 92 23.73 15.45 -4.13
N ARG A 93 24.61 15.88 -5.05
CA ARG A 93 24.12 16.70 -6.20
C ARG A 93 23.13 15.86 -7.00
N GLU A 94 23.35 14.54 -7.15
CA GLU A 94 22.41 13.67 -7.93
C GLU A 94 21.13 13.54 -7.13
N VAL A 95 21.14 13.51 -5.80
CA VAL A 95 19.91 13.50 -5.02
C VAL A 95 19.12 14.78 -5.31
N ALA A 96 19.77 15.93 -5.29
CA ALA A 96 19.05 17.22 -5.57
C ALA A 96 18.37 17.19 -6.94
N LYS A 97 19.06 16.66 -7.94
CA LYS A 97 18.47 16.53 -9.29
C LYS A 97 17.23 15.67 -9.22
N GLU A 98 17.30 14.51 -8.57
CA GLU A 98 16.15 13.60 -8.49
C GLU A 98 14.98 14.24 -7.77
N VAL A 99 15.23 14.84 -6.61
CA VAL A 99 14.19 15.46 -5.78
C VAL A 99 13.49 16.52 -6.65
N THR A 100 14.28 17.27 -7.40
CA THR A 100 13.72 18.33 -8.29
C THR A 100 12.87 17.68 -9.39
N ARG A 101 13.40 16.68 -10.05
CA ARG A 101 12.71 15.99 -11.18
C ARG A 101 11.37 15.43 -10.71
N LEU A 102 11.30 14.87 -9.49
CA LEU A 102 10.13 14.17 -8.96
C LEU A 102 9.03 15.18 -8.62
N GLY A 103 9.39 16.43 -8.39
CA GLY A 103 8.40 17.49 -8.06
C GLY A 103 7.83 17.33 -6.67
N VAL A 104 8.50 16.59 -5.78
CA VAL A 104 8.03 16.43 -4.39
C VAL A 104 8.16 17.74 -3.60
N ASN A 105 7.38 17.89 -2.56
CA ASN A 105 7.45 19.05 -1.65
C ASN A 105 8.28 18.69 -0.41
N SER A 106 8.67 17.43 -0.24
CA SER A 106 9.44 17.02 0.96
C SER A 106 10.23 15.76 0.62
N VAL A 107 11.30 15.55 1.37
CA VAL A 107 12.22 14.41 1.18
C VAL A 107 12.84 14.07 2.54
N ALA A 108 12.88 12.79 2.87
CA ALA A 108 13.58 12.22 4.05
C ALA A 108 14.97 11.78 3.58
N ILE A 109 16.02 12.23 4.26
N ILE A 109 16.02 12.29 4.22
CA ILE A 109 17.41 11.96 3.82
CA ILE A 109 17.44 12.03 3.82
C ILE A 109 18.31 11.59 5.00
C ILE A 109 18.24 11.55 5.03
N PRO A 110 19.10 10.51 4.87
CA PRO A 110 20.11 10.17 5.87
C PRO A 110 21.41 10.90 5.53
N LEU A 111 22.36 10.95 6.47
CA LEU A 111 23.72 11.47 6.15
C LEU A 111 24.53 10.35 5.49
N LEU A 112 24.77 10.49 4.19
CA LEU A 112 25.55 9.51 3.39
C LEU A 112 26.95 9.36 3.93
N SER A 113 27.44 8.11 3.89
CA SER A 113 28.84 7.72 4.22
C SER A 113 29.19 8.03 5.67
N THR A 114 28.22 8.04 6.59
CA THR A 114 28.51 8.34 8.02
C THR A 114 28.48 7.08 8.89
N GLY A 115 28.01 5.98 8.33
CA GLY A 115 27.87 4.69 9.05
C GLY A 115 29.01 3.75 8.66
N VAL A 116 28.65 2.56 8.17
CA VAL A 116 29.66 1.53 7.81
C VAL A 116 30.52 1.99 6.61
N TYR A 117 30.19 3.06 5.87
CA TYR A 117 31.04 3.60 4.78
C TYR A 117 31.95 4.73 5.25
N SER A 118 31.96 5.07 6.55
CA SER A 118 32.70 6.22 7.10
C SER A 118 34.21 5.94 7.21
N GLY A 119 34.64 4.69 7.07
CA GLY A 119 36.07 4.33 7.27
C GLY A 119 36.51 4.62 8.70
N GLY A 120 35.57 4.46 9.64
CA GLY A 120 35.72 4.62 11.10
C GLY A 120 35.99 6.04 11.57
N LYS A 121 35.58 7.04 10.76
CA LYS A 121 35.74 8.49 11.07
C LYS A 121 34.37 9.11 11.31
N ASP A 122 34.35 10.22 12.06
CA ASP A 122 33.16 11.06 12.26
C ASP A 122 33.10 11.99 11.07
N ARG A 123 32.06 11.83 10.25
CA ARG A 123 31.91 12.60 9.01
C ARG A 123 30.59 13.36 9.08
N LEU A 124 30.05 13.60 10.28
CA LEU A 124 28.78 14.37 10.40
C LEU A 124 28.93 15.66 9.60
N THR A 125 29.89 16.49 9.96
CA THR A 125 30.03 17.83 9.36
C THR A 125 30.30 17.72 7.86
N GLN A 126 31.16 16.82 7.46
CA GLN A 126 31.56 16.69 6.02
C GLN A 126 30.30 16.31 5.21
N SER A 127 29.55 15.35 5.71
CA SER A 127 28.41 14.78 4.97
C SER A 127 27.29 15.83 4.97
N LEU A 128 27.02 16.44 6.13
CA LEU A 128 25.92 17.43 6.25
C LEU A 128 26.22 18.64 5.36
N ASN A 129 27.46 19.08 5.28
CA ASN A 129 27.78 20.30 4.50
C ASN A 129 27.59 19.96 3.02
N HIS A 130 27.92 18.74 2.62
CA HIS A 130 27.66 18.36 1.20
C HIS A 130 26.16 18.26 0.94
N LEU A 131 25.39 17.85 1.93
CA LEU A 131 23.92 17.78 1.81
C LEU A 131 23.42 19.21 1.59
N PHE A 132 23.87 20.14 2.43
CA PHE A 132 23.43 21.55 2.29
C PHE A 132 23.83 22.09 0.92
N THR A 133 25.06 21.85 0.46
CA THR A 133 25.56 22.42 -0.82
C THR A 133 24.60 22.01 -1.94
N ALA A 134 24.15 20.76 -1.90
CA ALA A 134 23.30 20.19 -2.95
C ALA A 134 21.86 20.70 -2.78
N MET A 135 21.33 20.68 -1.59
CA MET A 135 19.87 20.82 -1.37
C MET A 135 19.48 22.29 -1.19
N ASP A 136 20.44 23.19 -0.95
CA ASP A 136 20.06 24.59 -0.62
C ASP A 136 19.28 25.23 -1.77
N SER A 137 19.59 24.89 -3.02
CA SER A 137 18.93 25.47 -4.22
C SER A 137 17.62 24.74 -4.54
N THR A 138 17.27 23.68 -3.80
CA THR A 138 15.95 23.04 -3.97
C THR A 138 14.91 23.70 -3.03
N ASP A 139 13.62 23.55 -3.37
CA ASP A 139 12.54 24.13 -2.53
C ASP A 139 11.71 23.04 -1.88
N ALA A 140 12.25 21.82 -1.78
CA ALA A 140 11.61 20.76 -0.97
C ALA A 140 11.89 20.97 0.53
N ASP A 141 10.95 20.65 1.41
CA ASP A 141 11.24 20.53 2.86
C ASP A 141 12.15 19.33 3.03
N VAL A 142 13.31 19.52 3.64
CA VAL A 142 14.28 18.40 3.83
C VAL A 142 14.18 18.00 5.29
N VAL A 143 14.02 16.71 5.55
CA VAL A 143 14.00 16.16 6.92
C VAL A 143 15.13 15.14 7.02
N ILE A 144 16.13 15.45 7.81
CA ILE A 144 17.34 14.61 7.98
C ILE A 144 17.04 13.61 9.09
N TYR A 145 17.32 12.34 8.86
CA TYR A 145 17.08 11.26 9.83
C TYR A 145 18.43 10.79 10.38
N CYS A 146 18.50 10.63 11.69
CA CYS A 146 19.68 10.11 12.39
C CYS A 146 19.23 9.20 13.52
N ARG A 147 20.18 8.49 14.14
CA ARG A 147 19.84 7.52 15.22
C ARG A 147 20.48 7.92 16.56
N ASP A 148 21.54 8.71 16.55
CA ASP A 148 22.32 9.01 17.76
C ASP A 148 21.86 10.33 18.36
N LYS A 149 21.71 10.40 19.69
CA LYS A 149 21.22 11.62 20.37
C LYS A 149 22.18 12.80 20.21
N GLU A 150 23.49 12.58 20.28
CA GLU A 150 24.49 13.66 20.14
C GLU A 150 24.53 14.12 18.67
N TRP A 151 24.36 13.21 17.71
CA TRP A 151 24.26 13.61 16.27
C TRP A 151 23.03 14.49 16.05
N GLU A 152 21.89 14.14 16.67
CA GLU A 152 20.64 14.95 16.55
C GLU A 152 20.93 16.39 16.99
N LYS A 153 21.58 16.54 18.16
CA LYS A 153 21.92 17.86 18.76
C LYS A 153 22.79 18.63 17.76
N LYS A 154 23.84 17.98 17.25
CA LYS A 154 24.84 18.62 16.35
C LYS A 154 24.22 19.03 15.01
N ILE A 155 23.40 18.16 14.43
CA ILE A 155 22.68 18.49 13.18
C ILE A 155 21.72 19.65 13.41
N SER A 156 20.97 19.61 14.52
CA SER A 156 19.99 20.67 14.86
C SER A 156 20.72 22.00 15.02
N GLU A 157 21.84 21.98 15.74
CA GLU A 157 22.67 23.21 15.88
C GLU A 157 23.13 23.74 14.52
N ALA A 158 23.62 22.88 13.62
CA ALA A 158 24.12 23.30 12.31
C ALA A 158 22.98 23.90 11.51
N ILE A 159 21.79 23.32 11.60
CA ILE A 159 20.62 23.87 10.86
C ILE A 159 20.34 25.28 11.42
N GLN A 160 20.21 25.38 12.74
CA GLN A 160 19.75 26.62 13.42
C GLN A 160 20.77 27.74 13.19
N MET A 161 22.06 27.40 13.10
CA MET A 161 23.17 28.39 12.92
C MET A 161 22.97 29.25 11.67
N ARG A 162 22.38 28.68 10.61
CA ARG A 162 22.27 29.34 9.28
C ARG A 162 20.93 30.09 9.14
N THR A 163 20.04 30.00 10.14
CA THR A 163 18.66 30.61 10.10
C THR A 163 18.67 31.99 10.76
N GLY B 1 -14.85 22.87 21.09
CA GLY B 1 -15.68 21.72 21.53
C GLY B 1 -16.44 21.10 20.35
N ALA B 2 -16.80 19.81 20.47
CA ALA B 2 -17.68 19.12 19.51
C ALA B 2 -19.08 19.72 19.65
N MET B 3 -19.83 19.85 18.56
CA MET B 3 -21.11 20.61 18.58
C MET B 3 -22.06 19.96 19.59
N ALA B 4 -21.99 18.64 19.69
CA ALA B 4 -22.80 17.83 20.64
C ALA B 4 -21.87 16.78 21.24
N PRO B 5 -21.08 17.14 22.27
CA PRO B 5 -20.07 16.23 22.78
C PRO B 5 -20.62 14.82 23.00
N SER B 6 -19.90 13.82 22.49
CA SER B 6 -20.32 12.40 22.53
C SER B 6 -19.17 11.52 23.03
N TYR B 7 -19.55 10.31 23.40
CA TYR B 7 -18.66 9.15 23.54
C TYR B 7 -19.01 8.12 22.44
N ARG B 8 -17.98 7.61 21.77
CA ARG B 8 -18.05 6.58 20.69
C ARG B 8 -16.92 5.57 20.89
N VAL B 9 -17.12 4.34 20.41
CA VAL B 9 -16.12 3.24 20.54
C VAL B 9 -15.73 2.76 19.14
N LYS B 10 -14.46 2.41 18.93
CA LYS B 10 -13.98 1.76 17.70
C LYS B 10 -13.13 0.56 18.11
N ARG B 11 -13.30 -0.57 17.42
CA ARG B 11 -12.48 -1.78 17.69
C ARG B 11 -11.41 -1.89 16.61
N MET B 12 -10.23 -1.36 16.88
CA MET B 12 -9.14 -1.23 15.88
C MET B 12 -7.94 -0.63 16.59
N ASP B 13 -6.81 -0.74 15.92
CA ASP B 13 -5.52 -0.13 16.26
C ASP B 13 -5.72 1.40 16.38
N ILE B 14 -5.58 1.89 17.60
CA ILE B 14 -5.73 3.32 17.94
C ILE B 14 -4.69 4.14 17.16
N ALA B 15 -3.64 3.50 16.60
CA ALA B 15 -2.64 4.21 15.74
C ALA B 15 -3.26 4.72 14.42
N LYS B 16 -4.38 4.13 14.00
CA LYS B 16 -5.12 4.48 12.76
C LYS B 16 -6.25 5.48 13.06
N ASN B 17 -6.27 6.06 14.26
CA ASN B 17 -7.42 6.89 14.74
C ASN B 17 -7.65 8.06 13.77
N ASP B 18 -8.92 8.46 13.62
CA ASP B 18 -9.34 9.66 12.83
C ASP B 18 -9.72 10.78 13.82
N GLU B 19 -9.01 10.90 14.94
CA GLU B 19 -9.23 11.98 15.93
C GLU B 19 -8.08 12.97 15.89
N GLU B 20 -8.27 14.13 16.54
CA GLU B 20 -7.31 15.25 16.51
C GLU B 20 -6.11 14.96 17.43
N CYS B 21 -6.23 13.94 18.29
CA CYS B 21 -5.13 13.54 19.19
C CYS B 21 -5.38 12.13 19.73
N VAL B 22 -4.31 11.52 20.25
CA VAL B 22 -4.30 10.13 20.75
C VAL B 22 -3.79 10.12 22.20
N VAL B 23 -4.39 9.26 22.99
CA VAL B 23 -3.85 8.90 24.34
C VAL B 23 -3.12 7.56 24.20
N ASN B 24 -1.85 7.56 24.53
CA ASN B 24 -1.03 6.34 24.60
C ASN B 24 -1.22 5.76 26.01
N ALA B 25 -1.45 4.46 26.10
CA ALA B 25 -1.33 3.71 27.38
C ALA B 25 0.16 3.47 27.62
N ALA B 26 0.83 4.48 28.16
CA ALA B 26 2.30 4.58 28.25
C ALA B 26 2.85 3.84 29.46
N ASN B 27 4.13 3.49 29.40
CA ASN B 27 4.88 3.13 30.60
C ASN B 27 5.58 4.38 31.13
N PRO B 28 6.07 4.38 32.37
CA PRO B 28 6.69 5.56 32.95
C PRO B 28 8.01 5.99 32.28
N ARG B 29 8.65 5.10 31.53
CA ARG B 29 10.04 5.38 31.09
C ARG B 29 10.04 5.80 29.63
N GLY B 30 8.88 5.88 28.98
CA GLY B 30 8.80 6.21 27.55
C GLY B 30 9.42 5.15 26.67
N LEU B 31 9.29 3.90 27.07
CA LEU B 31 9.77 2.74 26.29
C LEU B 31 8.66 2.31 25.34
N PRO B 32 8.99 1.58 24.24
CA PRO B 32 7.97 1.10 23.31
C PRO B 32 6.85 0.15 23.82
N GLY B 33 7.12 -0.70 24.80
CA GLY B 33 6.07 -1.42 25.54
C GLY B 33 5.23 -2.40 24.72
N ASP B 34 4.04 -2.75 25.18
CA ASP B 34 3.17 -3.78 24.54
C ASP B 34 1.84 -3.15 24.15
N GLY B 35 0.97 -3.94 23.50
CA GLY B 35 -0.39 -3.57 23.14
C GLY B 35 -0.45 -2.19 22.51
N VAL B 36 -1.37 -1.35 22.99
CA VAL B 36 -1.55 0.05 22.48
C VAL B 36 -0.20 0.76 22.37
N CYS B 37 0.67 0.69 23.39
CA CYS B 37 1.93 1.44 23.42
C CYS B 37 2.79 1.04 22.23
N LYS B 38 2.80 -0.27 21.94
CA LYS B 38 3.58 -0.80 20.80
C LYS B 38 3.02 -0.21 19.50
N ALA B 39 1.68 -0.25 19.34
CA ALA B 39 0.95 0.29 18.18
C ALA B 39 1.26 1.78 17.99
N VAL B 40 1.35 2.54 19.09
CA VAL B 40 1.69 3.99 19.09
C VAL B 40 3.18 4.24 18.79
N TYR B 41 4.11 3.41 19.27
CA TYR B 41 5.56 3.64 19.04
C TYR B 41 5.92 3.43 17.56
N LYS B 42 5.12 2.58 16.90
CA LYS B 42 5.34 2.14 15.49
C LYS B 42 5.16 3.35 14.57
N LYS B 43 4.27 4.28 14.94
CA LYS B 43 3.98 5.49 14.15
C LYS B 43 4.69 6.73 14.67
N TRP B 44 4.69 6.95 15.99
CA TRP B 44 5.12 8.23 16.58
C TRP B 44 6.32 8.04 17.48
N PRO B 45 7.39 7.34 17.03
CA PRO B 45 8.53 7.14 17.91
C PRO B 45 9.11 8.45 18.41
N GLU B 46 9.14 9.50 17.57
CA GLU B 46 9.71 10.80 18.03
C GLU B 46 8.78 11.42 19.10
N SER B 47 7.53 10.97 19.19
CA SER B 47 6.61 11.31 20.32
C SER B 47 7.18 10.75 21.63
N PHE B 48 8.05 9.73 21.55
CA PHE B 48 8.67 9.14 22.75
C PHE B 48 9.88 9.97 23.17
N LYS B 49 10.24 11.01 22.40
CA LYS B 49 11.27 11.94 22.86
C LYS B 49 10.78 12.61 24.13
N ASN B 50 11.44 12.27 25.22
CA ASN B 50 11.31 12.85 26.59
C ASN B 50 9.88 12.63 27.08
N SER B 51 9.28 11.51 26.71
CA SER B 51 7.89 11.13 27.09
C SER B 51 7.82 10.50 28.50
N ALA B 52 8.95 10.09 29.09
CA ALA B 52 9.00 9.52 30.46
C ALA B 52 8.27 10.45 31.46
N THR B 53 7.37 9.89 32.26
CA THR B 53 6.56 10.66 33.22
C THR B 53 6.05 9.68 34.27
N PRO B 54 5.81 10.13 35.52
CA PRO B 54 5.39 9.23 36.57
C PRO B 54 4.02 8.59 36.35
N VAL B 55 3.82 7.50 37.07
CA VAL B 55 2.50 6.84 37.18
C VAL B 55 1.50 7.88 37.69
N GLY B 56 0.29 7.84 37.13
CA GLY B 56 -0.76 8.79 37.49
C GLY B 56 -0.71 10.14 36.80
N THR B 57 0.17 10.30 35.80
CA THR B 57 0.34 11.56 35.04
C THR B 57 0.16 11.34 33.54
N ALA B 58 0.08 12.45 32.82
CA ALA B 58 0.01 12.47 31.37
C ALA B 58 1.02 13.51 30.90
N LYS B 59 1.80 13.15 29.88
CA LYS B 59 2.80 14.02 29.21
C LYS B 59 2.49 14.04 27.72
N THR B 60 2.33 15.24 27.14
CA THR B 60 2.00 15.37 25.70
C THR B 60 3.28 15.74 24.96
N VAL B 61 3.54 14.99 23.93
CA VAL B 61 4.66 15.29 23.00
C VAL B 61 4.02 15.54 21.65
N MET B 62 4.32 16.71 21.09
CA MET B 62 3.88 17.14 19.74
C MET B 62 4.79 16.50 18.71
N CYS B 63 4.17 15.80 17.75
CA CYS B 63 4.80 15.36 16.50
C CYS B 63 4.27 16.31 15.42
N GLY B 64 4.93 17.44 15.22
CA GLY B 64 4.40 18.53 14.39
C GLY B 64 3.15 19.10 15.04
N THR B 65 2.00 18.81 14.42
CA THR B 65 0.65 19.32 14.79
C THR B 65 -0.22 18.23 15.43
N TYR B 66 0.28 17.01 15.61
CA TYR B 66 -0.51 15.89 16.18
C TYR B 66 -0.05 15.56 17.60
N PRO B 67 -0.84 15.89 18.65
CA PRO B 67 -0.51 15.56 20.02
C PRO B 67 -0.72 14.08 20.37
N VAL B 68 0.34 13.49 20.94
CA VAL B 68 0.32 12.17 21.63
C VAL B 68 0.37 12.45 23.12
N ILE B 69 -0.71 12.08 23.79
CA ILE B 69 -0.82 12.24 25.27
C ILE B 69 -0.42 10.90 25.91
N HIS B 70 0.75 10.88 26.47
CA HIS B 70 1.28 9.67 27.16
C HIS B 70 0.69 9.64 28.57
N ALA B 71 -0.27 8.75 28.81
CA ALA B 71 -0.95 8.60 30.11
C ALA B 71 -0.47 7.32 30.78
N VAL B 72 0.10 7.45 31.96
CA VAL B 72 0.74 6.28 32.64
C VAL B 72 -0.24 5.77 33.71
N GLY B 73 -0.98 4.73 33.39
CA GLY B 73 -1.75 3.99 34.40
C GLY B 73 -0.85 3.12 35.25
N PRO B 74 -1.32 2.76 36.44
CA PRO B 74 -0.56 1.90 37.34
C PRO B 74 -0.57 0.47 36.82
N ASN B 75 0.52 -0.22 37.12
CA ASN B 75 0.64 -1.69 36.94
C ASN B 75 0.12 -2.34 38.23
N PHE B 76 -1.04 -2.96 38.15
CA PHE B 76 -1.70 -3.63 39.31
C PHE B 76 -0.89 -4.86 39.75
N SER B 77 0.12 -5.31 39.00
CA SER B 77 1.10 -6.31 39.53
C SER B 77 1.90 -5.68 40.67
N ASN B 78 2.10 -4.38 40.66
CA ASN B 78 3.02 -3.65 41.58
C ASN B 78 2.23 -2.86 42.64
N TYR B 79 1.11 -2.29 42.27
CA TYR B 79 0.25 -1.45 43.14
C TYR B 79 -0.79 -2.33 43.83
N THR B 80 -1.17 -1.94 45.05
CA THR B 80 -2.33 -2.53 45.71
C THR B 80 -3.59 -2.04 45.00
N GLU B 81 -4.69 -2.74 45.20
CA GLU B 81 -5.98 -2.34 44.61
C GLU B 81 -6.26 -0.89 45.03
N SER B 82 -6.02 -0.56 46.28
CA SER B 82 -6.35 0.79 46.79
C SER B 82 -5.47 1.85 46.11
N GLU B 83 -4.17 1.65 46.11
CA GLU B 83 -3.24 2.68 45.60
C GLU B 83 -3.34 2.75 44.08
N GLY B 84 -3.54 1.62 43.44
CA GLY B 84 -3.73 1.51 41.98
C GLY B 84 -4.98 2.25 41.57
N ASP B 85 -6.06 2.09 42.33
CA ASP B 85 -7.33 2.77 41.96
C ASP B 85 -7.14 4.28 41.94
N ARG B 86 -6.40 4.82 42.92
CA ARG B 86 -6.11 6.27 43.03
C ARG B 86 -5.30 6.71 41.80
N GLU B 87 -4.23 5.99 41.46
CA GLU B 87 -3.33 6.37 40.34
C GLU B 87 -4.09 6.28 39.02
N LEU B 88 -4.98 5.31 38.90
CA LEU B 88 -5.70 5.14 37.61
C LEU B 88 -6.68 6.29 37.42
N ALA B 89 -7.38 6.70 38.46
CA ALA B 89 -8.21 7.93 38.44
C ALA B 89 -7.36 9.13 38.07
N ALA B 90 -6.18 9.25 38.66
CA ALA B 90 -5.30 10.42 38.50
C ALA B 90 -4.83 10.52 37.04
N ALA B 91 -4.43 9.40 36.45
CA ALA B 91 -3.97 9.38 35.05
C ALA B 91 -5.09 9.96 34.17
N TYR B 92 -6.31 9.50 34.35
CA TYR B 92 -7.42 10.00 33.52
C TYR B 92 -7.66 11.48 33.78
N ARG B 93 -7.61 11.95 35.03
CA ARG B 93 -7.82 13.38 35.31
C ARG B 93 -6.78 14.22 34.55
N GLU B 94 -5.51 13.76 34.49
N GLU B 94 -5.54 13.73 34.46
CA GLU B 94 -4.45 14.47 33.73
CA GLU B 94 -4.46 14.46 33.76
C GLU B 94 -4.76 14.42 32.23
C GLU B 94 -4.70 14.40 32.24
N VAL B 95 -5.29 13.30 31.74
CA VAL B 95 -5.71 13.24 30.31
C VAL B 95 -6.77 14.33 30.03
N ALA B 96 -7.77 14.48 30.89
CA ALA B 96 -8.83 15.50 30.72
C ALA B 96 -8.22 16.90 30.66
N LYS B 97 -7.25 17.18 31.52
CA LYS B 97 -6.60 18.52 31.59
C LYS B 97 -5.83 18.75 30.29
N GLU B 98 -5.14 17.73 29.76
CA GLU B 98 -4.35 17.87 28.52
C GLU B 98 -5.29 18.08 27.34
N VAL B 99 -6.33 17.27 27.23
CA VAL B 99 -7.28 17.37 26.11
C VAL B 99 -7.85 18.79 26.13
N THR B 100 -8.17 19.29 27.33
CA THR B 100 -8.76 20.65 27.44
C THR B 100 -7.72 21.66 26.99
N ARG B 101 -6.51 21.56 27.51
CA ARG B 101 -5.42 22.52 27.18
C ARG B 101 -5.18 22.56 25.67
N LEU B 102 -5.22 21.41 25.00
CA LEU B 102 -4.85 21.28 23.58
C LEU B 102 -5.91 21.94 22.71
N GLY B 103 -7.14 22.08 23.22
CA GLY B 103 -8.27 22.67 22.46
C GLY B 103 -8.76 21.79 21.33
N VAL B 104 -8.54 20.48 21.41
CA VAL B 104 -9.03 19.51 20.38
C VAL B 104 -10.55 19.36 20.51
N ASN B 105 -11.21 18.93 19.45
CA ASN B 105 -12.66 18.65 19.42
C ASN B 105 -12.88 17.14 19.42
N SER B 106 -11.78 16.36 19.35
CA SER B 106 -11.86 14.88 19.41
C SER B 106 -10.54 14.32 19.98
N VAL B 107 -10.68 13.13 20.55
CA VAL B 107 -9.57 12.36 21.20
C VAL B 107 -9.91 10.87 21.12
N ALA B 108 -8.89 10.09 20.77
CA ALA B 108 -8.86 8.62 20.77
C ALA B 108 -8.19 8.19 22.09
N ILE B 109 -8.87 7.37 22.88
N ILE B 109 -8.91 7.40 22.90
CA ILE B 109 -8.38 6.96 24.23
CA ILE B 109 -8.50 6.95 24.26
C ILE B 109 -8.60 5.46 24.42
C ILE B 109 -8.60 5.43 24.35
N PRO B 110 -7.57 4.73 24.89
CA PRO B 110 -7.73 3.32 25.26
C PRO B 110 -8.12 3.20 26.73
N LEU B 111 -8.53 2.01 27.17
CA LEU B 111 -8.82 1.79 28.62
C LEU B 111 -7.49 1.50 29.33
N LEU B 112 -7.02 2.48 30.08
CA LEU B 112 -5.78 2.36 30.86
C LEU B 112 -5.87 1.21 31.85
N SER B 113 -4.74 0.54 32.00
CA SER B 113 -4.49 -0.52 33.03
C SER B 113 -5.35 -1.75 32.75
N THR B 114 -5.80 -1.97 31.50
CA THR B 114 -6.72 -3.12 31.20
C THR B 114 -5.95 -4.25 30.48
N GLY B 115 -4.72 -4.01 30.06
CA GLY B 115 -3.89 -5.02 29.35
C GLY B 115 -2.86 -5.64 30.29
N VAL B 116 -1.59 -5.57 29.93
CA VAL B 116 -0.50 -6.17 30.73
C VAL B 116 -0.34 -5.43 32.08
N TYR B 117 -0.96 -4.26 32.31
CA TYR B 117 -0.95 -3.62 33.66
C TYR B 117 -2.16 -4.04 34.50
N SER B 118 -3.04 -4.91 34.02
CA SER B 118 -4.28 -5.33 34.75
C SER B 118 -4.02 -6.21 35.99
N GLY B 119 -2.84 -6.80 36.10
CA GLY B 119 -2.52 -7.76 37.17
C GLY B 119 -3.41 -8.97 37.03
N GLY B 120 -3.80 -9.29 35.80
CA GLY B 120 -4.59 -10.50 35.49
C GLY B 120 -6.07 -10.37 35.79
N LYS B 121 -6.58 -9.16 36.10
CA LYS B 121 -8.01 -8.96 36.45
C LYS B 121 -8.70 -8.24 35.29
N ASP B 122 -9.99 -8.50 35.12
CA ASP B 122 -10.91 -7.78 34.20
C ASP B 122 -11.17 -6.40 34.76
N ARG B 123 -10.64 -5.34 34.14
CA ARG B 123 -10.75 -3.96 34.70
C ARG B 123 -11.56 -3.05 33.77
N LEU B 124 -12.38 -3.62 32.89
CA LEU B 124 -13.12 -2.80 31.90
C LEU B 124 -13.95 -1.77 32.66
N THR B 125 -14.79 -2.22 33.60
CA THR B 125 -15.75 -1.36 34.33
C THR B 125 -14.98 -0.33 35.16
N GLN B 126 -13.95 -0.75 35.86
CA GLN B 126 -13.11 0.14 36.70
C GLN B 126 -12.51 1.24 35.83
N SER B 127 -11.88 0.86 34.73
CA SER B 127 -11.09 1.80 33.90
C SER B 127 -12.08 2.71 33.20
N LEU B 128 -13.19 2.17 32.70
CA LEU B 128 -14.18 3.00 31.98
C LEU B 128 -14.82 3.98 32.97
N ASN B 129 -15.07 3.59 34.20
CA ASN B 129 -15.68 4.49 35.22
C ASN B 129 -14.73 5.67 35.44
N HIS B 130 -13.42 5.41 35.56
CA HIS B 130 -12.46 6.52 35.81
C HIS B 130 -12.36 7.38 34.57
N LEU B 131 -12.51 6.81 33.38
CA LEU B 131 -12.43 7.55 32.11
C LEU B 131 -13.62 8.53 32.10
N PHE B 132 -14.82 8.01 32.30
CA PHE B 132 -16.02 8.90 32.36
C PHE B 132 -15.85 9.97 33.44
N THR B 133 -15.41 9.63 34.66
CA THR B 133 -15.31 10.60 35.78
C THR B 133 -14.47 11.82 35.35
N ALA B 134 -13.38 11.55 34.63
CA ALA B 134 -12.46 12.58 34.14
C ALA B 134 -13.04 13.29 32.92
N MET B 135 -13.55 12.54 31.95
CA MET B 135 -13.82 13.13 30.61
C MET B 135 -15.22 13.73 30.57
N ASP B 136 -16.13 13.41 31.50
CA ASP B 136 -17.54 13.88 31.41
C ASP B 136 -17.61 15.41 31.30
N SER B 137 -16.73 16.13 32.01
CA SER B 137 -16.75 17.61 32.07
C SER B 137 -16.04 18.24 30.87
N THR B 138 -15.44 17.46 29.98
CA THR B 138 -14.78 17.99 28.76
C THR B 138 -15.78 17.99 27.62
N ASP B 139 -15.55 18.82 26.60
CA ASP B 139 -16.54 18.89 25.48
C ASP B 139 -15.95 18.27 24.21
N ALA B 140 -14.84 17.55 24.31
CA ALA B 140 -14.26 16.88 23.13
C ALA B 140 -15.10 15.64 22.82
N ASP B 141 -15.25 15.30 21.54
CA ASP B 141 -15.70 13.96 21.14
C ASP B 141 -14.64 12.96 21.60
N VAL B 142 -15.06 12.01 22.42
CA VAL B 142 -14.19 10.92 22.95
C VAL B 142 -14.50 9.64 22.19
N VAL B 143 -13.44 9.08 21.59
CA VAL B 143 -13.46 7.79 20.86
C VAL B 143 -12.60 6.82 21.64
N ILE B 144 -13.27 5.85 22.23
CA ILE B 144 -12.63 4.77 23.03
C ILE B 144 -12.25 3.64 22.10
N TYR B 145 -10.98 3.23 22.09
CA TYR B 145 -10.48 2.11 21.25
C TYR B 145 -10.38 0.86 22.12
N CYS B 146 -10.80 -0.28 21.57
CA CYS B 146 -10.59 -1.61 22.17
C CYS B 146 -10.24 -2.58 21.02
N ARG B 147 -9.89 -3.81 21.34
CA ARG B 147 -9.50 -4.82 20.30
C ARG B 147 -10.46 -6.02 20.37
N ASP B 148 -11.07 -6.25 21.51
CA ASP B 148 -11.91 -7.43 21.76
C ASP B 148 -13.37 -7.12 21.39
N LYS B 149 -14.03 -8.02 20.65
CA LYS B 149 -15.44 -7.82 20.24
C LYS B 149 -16.37 -7.80 21.47
N GLU B 150 -16.12 -8.60 22.51
CA GLU B 150 -16.97 -8.62 23.74
C GLU B 150 -16.77 -7.30 24.51
N TRP B 151 -15.53 -6.83 24.58
CA TRP B 151 -15.23 -5.52 25.25
C TRP B 151 -15.92 -4.40 24.46
N GLU B 152 -15.80 -4.39 23.13
CA GLU B 152 -16.53 -3.39 22.28
C GLU B 152 -18.01 -3.34 22.72
N LYS B 153 -18.65 -4.51 22.82
CA LYS B 153 -20.08 -4.65 23.22
C LYS B 153 -20.32 -3.99 24.58
N LYS B 154 -19.53 -4.35 25.59
CA LYS B 154 -19.72 -3.87 26.99
C LYS B 154 -19.46 -2.36 27.11
N ILE B 155 -18.50 -1.81 26.36
CA ILE B 155 -18.17 -0.35 26.37
C ILE B 155 -19.32 0.40 25.69
N SER B 156 -19.68 -0.06 24.49
CA SER B 156 -20.85 0.44 23.73
C SER B 156 -22.08 0.48 24.64
N GLU B 157 -22.31 -0.59 25.39
CA GLU B 157 -23.49 -0.78 26.27
C GLU B 157 -23.46 0.19 27.46
N ALA B 158 -22.27 0.47 28.00
CA ALA B 158 -22.07 1.41 29.12
C ALA B 158 -22.33 2.82 28.61
N ILE B 159 -21.88 3.16 27.39
CA ILE B 159 -22.09 4.51 26.78
C ILE B 159 -23.60 4.77 26.63
N GLN B 160 -24.29 3.84 25.97
CA GLN B 160 -25.72 4.00 25.54
C GLN B 160 -26.62 4.14 26.75
N MET B 161 -26.28 3.45 27.84
CA MET B 161 -27.10 3.36 29.08
C MET B 161 -27.19 4.70 29.80
N ARG B 162 -26.29 5.66 29.52
CA ARG B 162 -26.21 6.91 30.31
C ARG B 162 -27.06 8.00 29.66
N THR B 163 -27.46 7.77 28.41
CA THR B 163 -28.05 8.76 27.48
C THR B 163 -29.54 8.45 27.30
N GLY C 1 -17.49 -12.36 -17.84
CA GLY C 1 -16.63 -11.23 -18.35
C GLY C 1 -17.35 -10.38 -19.38
N ALA C 2 -17.03 -9.09 -19.47
CA ALA C 2 -17.38 -8.24 -20.62
C ALA C 2 -16.64 -8.81 -21.84
N MET C 3 -17.25 -8.75 -23.02
CA MET C 3 -16.64 -9.33 -24.24
C MET C 3 -15.38 -8.52 -24.63
N ALA C 4 -15.34 -7.22 -24.34
CA ALA C 4 -14.15 -6.38 -24.60
C ALA C 4 -13.96 -5.46 -23.42
N PRO C 5 -13.39 -5.97 -22.31
CA PRO C 5 -13.34 -5.22 -21.05
C PRO C 5 -12.79 -3.81 -21.29
N SER C 6 -13.46 -2.79 -20.75
CA SER C 6 -13.09 -1.37 -20.96
C SER C 6 -13.07 -0.58 -19.66
N TYR C 7 -12.48 0.60 -19.73
CA TYR C 7 -12.59 1.67 -18.73
C TYR C 7 -13.36 2.83 -19.33
N ARG C 8 -14.28 3.40 -18.56
CA ARG C 8 -15.02 4.61 -18.93
C ARG C 8 -15.07 5.53 -17.71
N VAL C 9 -15.30 6.81 -17.92
CA VAL C 9 -15.50 7.74 -16.81
C VAL C 9 -16.80 8.50 -17.04
N LYS C 10 -17.53 8.67 -15.96
CA LYS C 10 -18.79 9.44 -15.95
C LYS C 10 -18.76 10.48 -14.84
N ARG C 11 -19.20 11.69 -15.20
CA ARG C 11 -19.43 12.78 -14.22
C ARG C 11 -20.91 12.71 -13.81
N MET C 12 -21.20 12.05 -12.70
CA MET C 12 -22.56 11.59 -12.38
C MET C 12 -22.56 11.01 -10.96
N ASP C 13 -23.70 11.09 -10.27
CA ASP C 13 -23.94 10.49 -8.94
C ASP C 13 -23.74 8.96 -9.08
N ILE C 14 -22.80 8.40 -8.31
CA ILE C 14 -22.49 6.95 -8.41
C ILE C 14 -23.72 6.19 -7.87
N ALA C 15 -24.58 6.85 -7.12
CA ALA C 15 -25.77 6.20 -6.55
C ALA C 15 -26.81 5.93 -7.65
N LYS C 16 -26.60 6.51 -8.83
N LYS C 16 -26.64 6.52 -8.83
CA LYS C 16 -27.47 6.33 -10.03
CA LYS C 16 -27.52 6.27 -10.02
C LYS C 16 -26.71 5.57 -11.12
C LYS C 16 -26.71 5.57 -11.12
N ASN C 17 -25.69 4.79 -10.75
CA ASN C 17 -24.87 4.06 -11.75
C ASN C 17 -25.73 3.06 -12.57
N ASP C 18 -25.20 2.66 -13.72
CA ASP C 18 -25.78 1.69 -14.69
C ASP C 18 -24.97 0.39 -14.72
N GLU C 19 -24.28 0.05 -13.64
CA GLU C 19 -23.44 -1.17 -13.58
C GLU C 19 -24.01 -2.22 -12.65
N GLU C 20 -23.38 -3.40 -12.66
CA GLU C 20 -23.93 -4.60 -11.93
C GLU C 20 -23.60 -4.54 -10.43
N CYS C 21 -22.66 -3.70 -10.04
CA CYS C 21 -22.32 -3.52 -8.62
C CYS C 21 -21.63 -2.17 -8.44
N VAL C 22 -21.52 -1.75 -7.20
CA VAL C 22 -20.95 -0.41 -6.85
C VAL C 22 -19.86 -0.60 -5.81
N VAL C 23 -18.83 0.20 -5.93
CA VAL C 23 -17.82 0.37 -4.85
C VAL C 23 -18.17 1.58 -4.03
N ASN C 24 -18.32 1.37 -2.72
CA ASN C 24 -18.53 2.46 -1.75
C ASN C 24 -17.14 2.91 -1.24
N ALA C 25 -16.86 4.18 -1.30
CA ALA C 25 -15.68 4.74 -0.57
C ALA C 25 -16.04 4.80 0.90
N ALA C 26 -15.77 3.71 1.59
CA ALA C 26 -16.31 3.38 2.93
C ALA C 26 -15.36 3.90 4.00
N ASN C 27 -15.83 3.91 5.24
CA ASN C 27 -15.02 4.22 6.44
C ASN C 27 -14.93 2.92 7.21
N PRO C 28 -13.88 2.68 8.02
CA PRO C 28 -13.71 1.37 8.65
C PRO C 28 -14.82 0.92 9.63
N ARG C 29 -15.62 1.87 10.12
CA ARG C 29 -16.72 1.63 11.09
C ARG C 29 -17.97 1.13 10.35
N GLY C 30 -18.09 1.42 9.06
CA GLY C 30 -19.29 1.04 8.28
C GLY C 30 -20.45 1.97 8.55
N LEU C 31 -20.13 3.24 8.85
CA LEU C 31 -21.10 4.34 9.09
C LEU C 31 -21.46 5.00 7.78
N PRO C 32 -22.67 5.60 7.69
CA PRO C 32 -23.06 6.45 6.56
C PRO C 32 -21.98 7.43 6.07
N GLY C 33 -21.27 8.06 7.00
CA GLY C 33 -20.21 9.04 6.69
C GLY C 33 -20.76 10.21 5.88
N ASP C 34 -19.95 10.76 4.97
CA ASP C 34 -20.24 11.98 4.18
C ASP C 34 -19.82 11.72 2.73
N GLY C 35 -20.05 12.69 1.83
CA GLY C 35 -19.68 12.56 0.41
C GLY C 35 -20.46 11.44 -0.27
N VAL C 36 -19.76 10.57 -1.01
CA VAL C 36 -20.38 9.46 -1.81
C VAL C 36 -20.93 8.40 -0.83
N CYS C 37 -20.23 8.15 0.28
CA CYS C 37 -20.62 7.14 1.32
C CYS C 37 -22.03 7.45 1.84
N LYS C 38 -22.44 8.72 1.82
CA LYS C 38 -23.78 9.21 2.28
C LYS C 38 -24.83 8.97 1.19
N ALA C 39 -24.61 9.47 -0.03
CA ALA C 39 -25.47 9.17 -1.21
C ALA C 39 -25.59 7.65 -1.40
N VAL C 40 -24.51 6.90 -1.13
CA VAL C 40 -24.51 5.42 -1.23
C VAL C 40 -25.39 4.86 -0.09
N TYR C 41 -25.24 5.40 1.12
CA TYR C 41 -26.05 4.98 2.29
C TYR C 41 -27.52 5.26 2.01
N LYS C 42 -27.83 6.38 1.39
CA LYS C 42 -29.24 6.78 1.09
C LYS C 42 -29.80 5.81 0.05
N LYS C 43 -28.98 5.39 -0.93
CA LYS C 43 -29.48 4.48 -2.03
C LYS C 43 -29.56 3.04 -1.54
N TRP C 44 -28.56 2.56 -0.80
CA TRP C 44 -28.45 1.13 -0.42
C TRP C 44 -28.20 0.98 1.07
N PRO C 45 -29.09 1.53 1.92
CA PRO C 45 -28.87 1.50 3.36
C PRO C 45 -28.71 0.08 3.91
N GLU C 46 -29.44 -0.90 3.35
CA GLU C 46 -29.40 -2.31 3.81
C GLU C 46 -27.97 -2.87 3.68
N SER C 47 -27.16 -2.32 2.76
CA SER C 47 -25.79 -2.84 2.51
C SER C 47 -24.84 -2.43 3.65
N PHE C 48 -25.28 -1.58 4.58
CA PHE C 48 -24.46 -1.07 5.72
C PHE C 48 -24.56 -1.98 6.97
N LYS C 49 -25.34 -3.07 6.87
CA LYS C 49 -25.40 -4.14 7.90
C LYS C 49 -24.06 -4.89 7.96
N ASN C 50 -23.31 -4.73 9.06
CA ASN C 50 -22.00 -5.40 9.32
C ASN C 50 -21.06 -5.14 8.14
N SER C 51 -21.03 -3.90 7.64
CA SER C 51 -20.15 -3.46 6.53
C SER C 51 -18.77 -3.08 7.05
N ALA C 52 -18.62 -2.85 8.36
CA ALA C 52 -17.33 -2.42 8.97
C ALA C 52 -16.23 -3.33 8.44
N THR C 53 -15.11 -2.76 8.00
CA THR C 53 -13.94 -3.49 7.48
C THR C 53 -12.73 -2.56 7.58
N PRO C 54 -11.53 -3.11 7.84
CA PRO C 54 -10.36 -2.28 8.11
C PRO C 54 -9.82 -1.49 6.90
N VAL C 55 -9.11 -0.41 7.19
CA VAL C 55 -8.34 0.35 6.16
C VAL C 55 -7.55 -0.68 5.33
N GLY C 56 -7.57 -0.53 3.99
CA GLY C 56 -6.82 -1.41 3.06
C GLY C 56 -7.56 -2.66 2.62
N THR C 57 -8.84 -2.80 2.99
CA THR C 57 -9.67 -3.99 2.70
C THR C 57 -10.93 -3.55 1.98
N ALA C 58 -11.66 -4.55 1.48
CA ALA C 58 -13.00 -4.37 0.89
C ALA C 58 -13.89 -5.51 1.39
N LYS C 59 -15.14 -5.17 1.70
CA LYS C 59 -16.15 -6.15 2.18
C LYS C 59 -17.44 -5.89 1.41
N THR C 60 -17.96 -6.92 0.77
CA THR C 60 -19.20 -6.81 -0.02
C THR C 60 -20.41 -7.15 0.87
N VAL C 61 -21.41 -6.29 0.84
CA VAL C 61 -22.74 -6.59 1.43
C VAL C 61 -23.80 -6.35 0.36
N MET C 62 -24.73 -7.30 0.25
CA MET C 62 -25.86 -7.18 -0.70
C MET C 62 -26.91 -6.20 -0.17
N CYS C 63 -27.45 -5.40 -1.05
CA CYS C 63 -28.70 -4.65 -0.89
C CYS C 63 -29.72 -5.33 -1.81
N GLY C 64 -30.57 -6.19 -1.27
CA GLY C 64 -31.31 -7.14 -2.11
C GLY C 64 -30.37 -8.12 -2.77
N THR C 65 -30.21 -8.10 -4.10
CA THR C 65 -29.18 -8.88 -4.80
C THR C 65 -28.10 -7.96 -5.39
N TYR C 66 -28.16 -6.66 -5.11
CA TYR C 66 -27.24 -5.66 -5.73
C TYR C 66 -26.00 -5.56 -4.81
N PRO C 67 -24.81 -5.98 -5.29
CA PRO C 67 -23.64 -5.98 -4.42
C PRO C 67 -23.11 -4.55 -4.22
N VAL C 68 -22.86 -4.23 -2.95
CA VAL C 68 -22.14 -3.00 -2.55
C VAL C 68 -20.80 -3.40 -1.95
N ILE C 69 -19.71 -3.00 -2.61
CA ILE C 69 -18.34 -3.39 -2.23
C ILE C 69 -17.80 -2.23 -1.40
N HIS C 70 -17.76 -2.38 -0.07
CA HIS C 70 -17.27 -1.32 0.83
C HIS C 70 -15.74 -1.37 0.86
N ALA C 71 -15.09 -0.38 0.24
CA ALA C 71 -13.62 -0.35 0.07
C ALA C 71 -13.10 0.79 0.92
N VAL C 72 -12.21 0.43 1.85
CA VAL C 72 -11.70 1.43 2.83
C VAL C 72 -10.27 1.84 2.43
N GLY C 73 -10.20 2.96 1.72
CA GLY C 73 -8.93 3.67 1.48
C GLY C 73 -8.42 4.27 2.77
N PRO C 74 -7.10 4.53 2.83
CA PRO C 74 -6.55 5.28 3.96
C PRO C 74 -6.95 6.75 3.91
N ASN C 75 -7.10 7.32 5.10
CA ASN C 75 -7.24 8.76 5.29
C ASN C 75 -5.84 9.37 5.42
N PHE C 76 -5.43 10.13 4.42
CA PHE C 76 -4.07 10.72 4.38
C PHE C 76 -3.84 11.86 5.37
N SER C 77 -4.88 12.30 6.10
CA SER C 77 -4.72 13.19 7.29
C SER C 77 -4.04 12.40 8.42
N ASN C 78 -4.18 11.07 8.37
CA ASN C 78 -3.93 10.12 9.48
C ASN C 78 -2.78 9.17 9.11
N TYR C 79 -2.34 9.21 7.86
CA TYR C 79 -1.37 8.23 7.31
C TYR C 79 -0.24 9.02 6.68
N THR C 80 1.00 8.55 6.82
CA THR C 80 2.14 9.11 6.05
C THR C 80 1.93 8.81 4.58
N GLU C 81 2.62 9.51 3.71
CA GLU C 81 2.58 9.22 2.25
C GLU C 81 3.03 7.79 1.99
N SER C 82 4.09 7.34 2.67
CA SER C 82 4.60 5.96 2.48
C SER C 82 3.54 4.93 2.91
N GLU C 83 2.99 5.03 4.12
CA GLU C 83 2.10 3.97 4.64
C GLU C 83 0.76 4.06 3.88
N GLY C 84 0.32 5.27 3.61
CA GLY C 84 -0.97 5.43 2.90
C GLY C 84 -0.90 4.89 1.50
N ASP C 85 0.22 5.10 0.81
CA ASP C 85 0.36 4.61 -0.57
C ASP C 85 0.16 3.10 -0.59
N ARG C 86 0.72 2.39 0.37
CA ARG C 86 0.56 0.92 0.45
C ARG C 86 -0.90 0.55 0.74
N GLU C 87 -1.58 1.23 1.67
CA GLU C 87 -2.97 0.86 2.03
C GLU C 87 -3.91 1.19 0.87
N LEU C 88 -3.61 2.22 0.07
CA LEU C 88 -4.50 2.63 -1.06
C LEU C 88 -4.39 1.54 -2.12
N ALA C 89 -3.16 1.11 -2.42
CA ALA C 89 -2.92 0.00 -3.37
C ALA C 89 -3.68 -1.26 -2.92
N ALA C 90 -3.64 -1.59 -1.63
CA ALA C 90 -4.25 -2.80 -1.04
C ALA C 90 -5.77 -2.74 -1.14
N ALA C 91 -6.38 -1.57 -0.87
CA ALA C 91 -7.85 -1.41 -0.94
C ALA C 91 -8.27 -1.73 -2.37
N TYR C 92 -7.56 -1.20 -3.38
CA TYR C 92 -7.95 -1.49 -4.77
C TYR C 92 -7.77 -2.96 -5.14
N ARG C 93 -6.69 -3.60 -4.67
N ARG C 93 -6.71 -3.61 -4.66
CA ARG C 93 -6.49 -5.05 -4.91
CA ARG C 93 -6.51 -5.05 -4.93
C ARG C 93 -7.68 -5.82 -4.31
C ARG C 93 -7.65 -5.86 -4.29
N GLU C 94 -8.14 -5.43 -3.13
CA GLU C 94 -9.30 -6.12 -2.50
C GLU C 94 -10.56 -5.83 -3.35
N VAL C 95 -10.69 -4.67 -3.97
CA VAL C 95 -11.87 -4.42 -4.86
C VAL C 95 -11.79 -5.39 -6.03
N ALA C 96 -10.61 -5.59 -6.63
CA ALA C 96 -10.44 -6.48 -7.80
C ALA C 96 -10.85 -7.90 -7.42
N LYS C 97 -10.44 -8.35 -6.23
CA LYS C 97 -10.82 -9.69 -5.72
C LYS C 97 -12.35 -9.77 -5.56
N GLU C 98 -12.96 -8.75 -4.97
CA GLU C 98 -14.44 -8.78 -4.73
C GLU C 98 -15.19 -8.80 -6.05
N VAL C 99 -14.79 -7.94 -7.00
CA VAL C 99 -15.44 -7.94 -8.36
C VAL C 99 -15.32 -9.31 -8.99
N THR C 100 -14.14 -9.93 -8.92
CA THR C 100 -13.87 -11.23 -9.55
C THR C 100 -14.76 -12.29 -8.86
N ARG C 101 -14.80 -12.25 -7.54
CA ARG C 101 -15.58 -13.24 -6.73
C ARG C 101 -17.06 -13.17 -7.17
N LEU C 102 -17.57 -11.97 -7.34
CA LEU C 102 -19.01 -11.75 -7.66
C LEU C 102 -19.38 -12.22 -9.06
N GLY C 103 -18.44 -12.33 -10.00
CA GLY C 103 -18.73 -12.75 -11.38
C GLY C 103 -19.42 -11.65 -12.18
N VAL C 104 -19.45 -10.42 -11.69
CA VAL C 104 -20.13 -9.28 -12.39
C VAL C 104 -19.42 -8.96 -13.73
N ASN C 105 -20.18 -8.41 -14.69
CA ASN C 105 -19.58 -7.96 -15.97
C ASN C 105 -19.23 -6.47 -15.93
N SER C 106 -19.56 -5.77 -14.86
CA SER C 106 -19.35 -4.32 -14.75
C SER C 106 -19.39 -3.90 -13.30
N VAL C 107 -18.70 -2.80 -13.04
CA VAL C 107 -18.54 -2.21 -11.68
C VAL C 107 -18.43 -0.68 -11.82
N ALA C 108 -19.13 0.03 -10.96
CA ALA C 108 -19.09 1.48 -10.75
C ALA C 108 -18.13 1.74 -9.59
N ILE C 109 -17.10 2.58 -9.82
N ILE C 109 -17.17 2.65 -9.76
CA ILE C 109 -16.02 2.84 -8.84
CA ILE C 109 -16.08 2.81 -8.77
C ILE C 109 -15.80 4.35 -8.72
C ILE C 109 -15.68 4.27 -8.71
N PRO C 110 -15.55 4.85 -7.49
CA PRO C 110 -15.01 6.19 -7.30
C PRO C 110 -13.48 6.11 -7.10
N LEU C 111 -12.78 7.22 -7.22
CA LEU C 111 -11.32 7.20 -6.87
C LEU C 111 -11.19 7.29 -5.36
N LEU C 112 -10.67 6.23 -4.77
CA LEU C 112 -10.50 6.11 -3.32
C LEU C 112 -9.46 7.13 -2.83
N SER C 113 -9.73 7.66 -1.64
CA SER C 113 -8.82 8.55 -0.88
C SER C 113 -8.62 9.87 -1.63
N THR C 114 -9.59 10.37 -2.42
CA THR C 114 -9.40 11.64 -3.17
C THR C 114 -10.31 12.78 -2.65
N GLY C 115 -11.20 12.51 -1.70
CA GLY C 115 -12.08 13.54 -1.10
C GLY C 115 -11.63 13.88 0.31
N VAL C 116 -12.49 13.63 1.31
CA VAL C 116 -12.22 13.93 2.74
C VAL C 116 -11.04 13.12 3.24
N TYR C 117 -10.67 12.01 2.58
CA TYR C 117 -9.53 11.15 3.00
C TYR C 117 -8.25 11.56 2.24
N SER C 118 -8.30 12.60 1.42
CA SER C 118 -7.15 13.05 0.60
C SER C 118 -6.04 13.73 1.41
N GLY C 119 -6.31 14.12 2.67
CA GLY C 119 -5.39 14.96 3.45
C GLY C 119 -5.10 16.29 2.80
N GLY C 120 -6.03 16.79 1.98
CA GLY C 120 -5.93 18.09 1.28
C GLY C 120 -5.01 18.12 0.07
N LYS C 121 -4.59 16.95 -0.44
CA LYS C 121 -3.71 16.86 -1.64
C LYS C 121 -4.53 16.36 -2.84
N ASP C 122 -4.15 16.80 -4.03
CA ASP C 122 -4.59 16.23 -5.33
C ASP C 122 -4.05 14.80 -5.42
N ARG C 123 -4.93 13.79 -5.39
CA ARG C 123 -4.50 12.37 -5.53
C ARG C 123 -5.14 11.69 -6.74
N LEU C 124 -5.54 12.44 -7.77
CA LEU C 124 -6.17 11.85 -8.97
C LEU C 124 -5.24 10.80 -9.59
N THR C 125 -4.02 11.20 -9.94
CA THR C 125 -3.09 10.31 -10.65
C THR C 125 -2.73 9.13 -9.73
N GLN C 126 -2.46 9.39 -8.46
CA GLN C 126 -2.05 8.31 -7.53
C GLN C 126 -3.18 7.28 -7.45
N SER C 127 -4.38 7.78 -7.18
CA SER C 127 -5.54 6.88 -6.93
C SER C 127 -5.85 6.12 -8.22
N LEU C 128 -5.90 6.83 -9.36
CA LEU C 128 -6.18 6.19 -10.67
C LEU C 128 -5.10 5.16 -11.01
N ASN C 129 -3.82 5.43 -10.74
CA ASN C 129 -2.75 4.45 -11.03
C ASN C 129 -3.01 3.19 -10.22
N HIS C 130 -3.37 3.31 -8.94
CA HIS C 130 -3.61 2.12 -8.10
C HIS C 130 -4.86 1.39 -8.61
N LEU C 131 -5.85 2.12 -9.11
CA LEU C 131 -7.08 1.50 -9.64
C LEU C 131 -6.71 0.64 -10.84
N PHE C 132 -5.95 1.18 -11.78
CA PHE C 132 -5.50 0.43 -12.98
C PHE C 132 -4.66 -0.78 -12.58
N THR C 133 -3.71 -0.61 -11.63
CA THR C 133 -2.81 -1.71 -11.23
C THR C 133 -3.68 -2.91 -10.81
N ALA C 134 -4.73 -2.63 -10.05
CA ALA C 134 -5.61 -3.69 -9.47
C ALA C 134 -6.60 -4.20 -10.54
N MET C 135 -7.21 -3.32 -11.31
CA MET C 135 -8.36 -3.71 -12.18
C MET C 135 -7.89 -4.18 -13.56
N ASP C 136 -6.66 -3.89 -13.98
CA ASP C 136 -6.28 -4.21 -15.38
C ASP C 136 -6.43 -5.71 -15.63
N SER C 137 -6.19 -6.58 -14.62
CA SER C 137 -6.24 -8.04 -14.81
C SER C 137 -7.66 -8.60 -14.67
N THR C 138 -8.65 -7.74 -14.40
CA THR C 138 -10.07 -8.15 -14.37
C THR C 138 -10.70 -7.98 -15.73
N ASP C 139 -11.81 -8.71 -15.99
CA ASP C 139 -12.53 -8.66 -17.29
C ASP C 139 -13.86 -7.92 -17.12
N ALA C 140 -14.09 -7.24 -16.01
CA ALA C 140 -15.30 -6.42 -15.84
C ALA C 140 -15.15 -5.09 -16.56
N ASP C 141 -16.22 -4.57 -17.17
CA ASP C 141 -16.27 -3.15 -17.54
C ASP C 141 -16.17 -2.31 -16.28
N VAL C 142 -15.24 -1.40 -16.24
CA VAL C 142 -15.05 -0.49 -15.10
C VAL C 142 -15.51 0.90 -15.50
N VAL C 143 -16.41 1.46 -14.72
CA VAL C 143 -16.96 2.82 -14.94
C VAL C 143 -16.59 3.67 -13.74
N ILE C 144 -15.73 4.66 -13.93
CA ILE C 144 -15.23 5.51 -12.84
C ILE C 144 -16.17 6.68 -12.71
N TYR C 145 -16.65 6.97 -11.50
CA TYR C 145 -17.59 8.10 -11.28
C TYR C 145 -16.84 9.26 -10.66
N CYS C 146 -17.10 10.47 -11.15
CA CYS C 146 -16.50 11.70 -10.61
C CYS C 146 -17.59 12.78 -10.57
N ARG C 147 -17.29 13.89 -9.88
N ARG C 147 -17.27 13.91 -9.94
CA ARG C 147 -18.25 15.01 -9.64
CA ARG C 147 -18.24 15.00 -9.67
C ARG C 147 -17.79 16.30 -10.34
C ARG C 147 -17.68 16.36 -10.07
N ASP C 148 -16.51 16.40 -10.69
CA ASP C 148 -15.88 17.67 -11.16
C ASP C 148 -15.45 17.53 -12.61
N LYS C 149 -15.68 18.58 -13.41
CA LYS C 149 -15.40 18.55 -14.86
C LYS C 149 -13.89 18.43 -15.16
N GLU C 150 -13.02 19.05 -14.36
CA GLU C 150 -11.55 18.94 -14.58
C GLU C 150 -11.11 17.51 -14.23
N TRP C 151 -11.69 16.91 -13.20
CA TRP C 151 -11.39 15.49 -12.83
C TRP C 151 -11.81 14.60 -14.00
N GLU C 152 -12.99 14.85 -14.57
CA GLU C 152 -13.51 14.02 -15.68
C GLU C 152 -12.54 14.02 -16.86
N LYS C 153 -12.03 15.22 -17.19
CA LYS C 153 -11.08 15.47 -18.31
C LYS C 153 -9.79 14.68 -18.09
N LYS C 154 -9.17 14.85 -16.92
CA LYS C 154 -7.88 14.18 -16.57
C LYS C 154 -8.08 12.66 -16.59
N ILE C 155 -9.14 12.16 -15.94
CA ILE C 155 -9.38 10.69 -15.92
C ILE C 155 -9.55 10.17 -17.36
N SER C 156 -10.37 10.86 -18.15
CA SER C 156 -10.65 10.47 -19.57
C SER C 156 -9.33 10.44 -20.36
N GLU C 157 -8.49 11.46 -20.20
CA GLU C 157 -7.17 11.54 -20.89
C GLU C 157 -6.32 10.32 -20.52
N ALA C 158 -6.25 9.99 -19.23
CA ALA C 158 -5.46 8.85 -18.70
C ALA C 158 -5.94 7.52 -19.30
N ILE C 159 -7.25 7.33 -19.41
CA ILE C 159 -7.85 6.10 -19.98
C ILE C 159 -7.45 6.03 -21.46
N GLN C 160 -7.65 7.13 -22.17
CA GLN C 160 -7.42 7.18 -23.64
C GLN C 160 -5.92 7.02 -23.92
N MET C 161 -5.04 7.56 -23.07
CA MET C 161 -3.56 7.45 -23.23
C MET C 161 -3.15 6.01 -23.52
N ARG C 162 -3.85 4.99 -22.98
CA ARG C 162 -3.36 3.58 -23.00
C ARG C 162 -4.08 2.73 -24.06
N THR C 163 -5.15 3.21 -24.70
CA THR C 163 -5.94 2.40 -25.68
C THR C 163 -5.16 2.35 -27.00
N MET D 3 -3.41 -38.76 -35.95
CA MET D 3 -3.42 -37.66 -34.95
C MET D 3 -2.20 -37.82 -34.02
N ALA D 4 -2.28 -37.26 -32.79
CA ALA D 4 -1.25 -37.28 -31.73
C ALA D 4 -0.32 -36.08 -31.86
N PRO D 5 -0.36 -35.11 -30.92
CA PRO D 5 0.56 -33.96 -30.94
C PRO D 5 1.95 -34.35 -30.42
N SER D 6 2.94 -33.48 -30.64
N SER D 6 2.94 -33.50 -30.64
CA SER D 6 4.33 -33.59 -30.12
CA SER D 6 4.31 -33.61 -30.09
C SER D 6 4.59 -32.42 -29.17
C SER D 6 4.59 -32.43 -29.16
N TYR D 7 5.43 -32.63 -28.15
CA TYR D 7 5.76 -31.58 -27.15
C TYR D 7 7.26 -31.47 -27.02
N ARG D 8 7.75 -30.22 -27.11
CA ARG D 8 9.14 -29.82 -26.76
C ARG D 8 9.10 -28.57 -25.89
N VAL D 9 10.24 -28.24 -25.29
CA VAL D 9 10.42 -27.01 -24.48
C VAL D 9 11.69 -26.33 -24.97
N LYS D 10 11.65 -25.00 -25.06
CA LYS D 10 12.81 -24.14 -25.37
C LYS D 10 12.90 -23.08 -24.28
N ARG D 11 14.12 -22.82 -23.81
CA ARG D 11 14.45 -21.69 -22.92
C ARG D 11 14.87 -20.55 -23.82
N MET D 12 13.92 -19.72 -24.24
CA MET D 12 14.22 -18.56 -25.11
C MET D 12 12.96 -17.69 -25.20
N ASP D 13 13.16 -16.46 -25.66
CA ASP D 13 12.08 -15.45 -25.83
C ASP D 13 11.06 -15.99 -26.86
N ILE D 14 9.81 -16.19 -26.43
CA ILE D 14 8.74 -16.69 -27.33
C ILE D 14 8.53 -15.72 -28.50
N ALA D 15 8.98 -14.46 -28.37
CA ALA D 15 8.88 -13.42 -29.44
C ALA D 15 9.83 -13.80 -30.58
N LYS D 16 10.74 -14.76 -30.36
CA LYS D 16 11.65 -15.28 -31.41
C LYS D 16 11.37 -16.74 -31.71
N ASN D 17 10.13 -17.19 -31.57
CA ASN D 17 9.78 -18.61 -31.81
C ASN D 17 9.99 -19.02 -33.29
N ASP D 18 10.09 -20.32 -33.52
CA ASP D 18 10.27 -20.94 -34.84
C ASP D 18 9.00 -21.70 -35.20
N GLU D 19 7.83 -21.31 -34.70
CA GLU D 19 6.58 -22.03 -35.01
C GLU D 19 5.61 -21.18 -35.85
N GLU D 20 4.56 -21.80 -36.37
CA GLU D 20 3.63 -21.12 -37.34
C GLU D 20 2.72 -20.11 -36.65
N CYS D 21 2.61 -20.13 -35.32
CA CYS D 21 1.76 -19.19 -34.59
C CYS D 21 2.21 -19.14 -33.14
N VAL D 22 1.73 -18.12 -32.43
CA VAL D 22 2.17 -17.88 -31.04
C VAL D 22 0.92 -17.67 -30.20
N VAL D 23 1.01 -18.17 -28.97
CA VAL D 23 0.04 -17.86 -27.89
C VAL D 23 0.61 -16.77 -27.00
N ASN D 24 -0.11 -15.68 -26.91
CA ASN D 24 0.20 -14.58 -25.98
C ASN D 24 -0.42 -14.91 -24.62
N ALA D 25 0.34 -14.69 -23.56
CA ALA D 25 -0.18 -14.68 -22.16
C ALA D 25 -0.76 -13.30 -21.95
N ALA D 26 -1.97 -13.11 -22.44
CA ALA D 26 -2.61 -11.81 -22.57
C ALA D 26 -3.29 -11.35 -21.28
N ASN D 27 -3.58 -10.07 -21.18
CA ASN D 27 -4.53 -9.52 -20.18
C ASN D 27 -5.88 -9.32 -20.86
N PRO D 28 -6.98 -9.27 -20.08
CA PRO D 28 -8.30 -9.19 -20.69
C PRO D 28 -8.53 -7.91 -21.49
N ARG D 29 -7.72 -6.89 -21.27
CA ARG D 29 -8.00 -5.53 -21.81
C ARG D 29 -7.24 -5.31 -23.12
N GLY D 30 -6.41 -6.25 -23.54
CA GLY D 30 -5.55 -6.07 -24.73
C GLY D 30 -4.51 -4.99 -24.54
N LEU D 31 -4.09 -4.77 -23.30
CA LEU D 31 -2.99 -3.83 -22.98
C LEU D 31 -1.65 -4.51 -23.26
N PRO D 32 -0.60 -3.74 -23.59
CA PRO D 32 0.77 -4.23 -23.48
C PRO D 32 1.04 -4.37 -21.98
N GLY D 33 1.13 -5.60 -21.48
CA GLY D 33 1.35 -5.88 -20.05
C GLY D 33 2.82 -5.77 -19.73
N ASP D 34 3.34 -6.76 -18.99
CA ASP D 34 4.79 -6.99 -18.81
C ASP D 34 5.06 -8.43 -19.24
N GLY D 35 6.30 -8.88 -19.10
CA GLY D 35 6.68 -10.28 -19.39
C GLY D 35 6.38 -10.65 -20.84
N VAL D 36 5.85 -11.86 -21.04
CA VAL D 36 5.54 -12.41 -22.40
C VAL D 36 4.71 -11.36 -23.15
N CYS D 37 3.67 -10.82 -22.50
CA CYS D 37 2.69 -9.94 -23.16
C CYS D 37 3.44 -8.72 -23.74
N LYS D 38 4.39 -8.15 -22.99
CA LYS D 38 5.12 -6.95 -23.47
C LYS D 38 6.03 -7.31 -24.66
N ALA D 39 6.63 -8.49 -24.63
CA ALA D 39 7.54 -8.94 -25.72
C ALA D 39 6.72 -9.18 -26.98
N VAL D 40 5.54 -9.75 -26.81
CA VAL D 40 4.56 -10.03 -27.89
C VAL D 40 4.13 -8.68 -28.46
N TYR D 41 3.86 -7.69 -27.60
CA TYR D 41 3.43 -6.35 -28.04
C TYR D 41 4.55 -5.71 -28.90
N LYS D 42 5.79 -5.85 -28.49
CA LYS D 42 6.92 -5.25 -29.25
C LYS D 42 7.07 -5.95 -30.60
N LYS D 43 6.88 -7.27 -30.63
CA LYS D 43 7.15 -8.07 -31.86
C LYS D 43 5.97 -7.98 -32.83
N TRP D 44 4.74 -8.03 -32.34
CA TRP D 44 3.53 -8.14 -33.17
C TRP D 44 2.51 -7.12 -32.69
N PRO D 45 2.82 -5.81 -32.65
CA PRO D 45 1.89 -4.81 -32.11
C PRO D 45 0.55 -4.78 -32.85
N GLU D 46 0.55 -5.04 -34.17
CA GLU D 46 -0.69 -5.00 -34.98
C GLU D 46 -1.70 -6.00 -34.43
N SER D 47 -1.24 -7.08 -33.78
CA SER D 47 -2.10 -8.18 -33.29
C SER D 47 -2.92 -7.72 -32.08
N PHE D 48 -2.65 -6.53 -31.55
CA PHE D 48 -3.40 -6.02 -30.36
C PHE D 48 -4.63 -5.20 -30.77
N LYS D 49 -4.97 -5.17 -32.05
CA LYS D 49 -6.18 -4.44 -32.52
C LYS D 49 -7.39 -5.27 -32.11
N ASN D 50 -8.24 -4.78 -31.20
CA ASN D 50 -9.43 -5.52 -30.71
C ASN D 50 -9.01 -6.92 -30.21
N SER D 51 -7.92 -6.98 -29.45
CA SER D 51 -7.47 -8.26 -28.84
C SER D 51 -8.15 -8.49 -27.48
N ALA D 52 -8.82 -7.48 -26.92
CA ALA D 52 -9.45 -7.61 -25.59
C ALA D 52 -10.42 -8.79 -25.62
N THR D 53 -10.40 -9.60 -24.57
CA THR D 53 -11.25 -10.80 -24.50
C THR D 53 -11.33 -11.20 -23.04
N PRO D 54 -12.42 -11.86 -22.61
CA PRO D 54 -12.55 -12.15 -21.19
C PRO D 54 -11.59 -13.24 -20.70
N VAL D 55 -11.49 -13.31 -19.39
CA VAL D 55 -10.71 -14.39 -18.71
C VAL D 55 -11.25 -15.74 -19.18
N GLY D 56 -10.37 -16.71 -19.39
CA GLY D 56 -10.75 -18.06 -19.83
C GLY D 56 -11.06 -18.19 -21.30
N THR D 57 -10.73 -17.18 -22.11
CA THR D 57 -10.97 -17.19 -23.57
C THR D 57 -9.68 -16.96 -24.35
N ALA D 58 -9.74 -17.32 -25.63
CA ALA D 58 -8.64 -17.00 -26.54
C ALA D 58 -9.19 -16.23 -27.74
N LYS D 59 -8.46 -15.21 -28.18
CA LYS D 59 -8.89 -14.44 -29.38
C LYS D 59 -7.68 -14.28 -30.30
N THR D 60 -7.81 -14.78 -31.53
CA THR D 60 -6.73 -14.76 -32.54
C THR D 60 -6.81 -13.47 -33.36
N VAL D 61 -5.70 -12.75 -33.41
CA VAL D 61 -5.55 -11.58 -34.31
C VAL D 61 -4.28 -11.78 -35.12
N MET D 62 -4.37 -11.53 -36.42
CA MET D 62 -3.23 -11.68 -37.33
C MET D 62 -2.29 -10.47 -37.24
N CYS D 63 -1.00 -10.74 -37.27
CA CYS D 63 0.03 -9.71 -37.55
C CYS D 63 0.61 -10.04 -38.92
N GLY D 64 0.19 -9.33 -39.96
CA GLY D 64 0.38 -9.84 -41.33
C GLY D 64 -0.44 -11.09 -41.54
N THR D 65 0.21 -12.24 -41.77
CA THR D 65 -0.45 -13.54 -41.88
C THR D 65 -0.05 -14.42 -40.66
N TYR D 66 0.66 -13.88 -39.69
CA TYR D 66 1.18 -14.64 -38.53
C TYR D 66 0.15 -14.53 -37.40
N PRO D 67 -0.48 -15.66 -36.99
CA PRO D 67 -1.52 -15.61 -35.96
C PRO D 67 -0.96 -15.50 -34.55
N VAL D 68 -1.54 -14.57 -33.81
CA VAL D 68 -1.24 -14.34 -32.37
C VAL D 68 -2.55 -14.69 -31.64
N ILE D 69 -2.51 -15.79 -30.89
CA ILE D 69 -3.67 -16.32 -30.14
C ILE D 69 -3.53 -15.69 -28.75
N HIS D 70 -4.31 -14.66 -28.47
CA HIS D 70 -4.28 -13.96 -27.15
C HIS D 70 -5.10 -14.82 -26.19
N ALA D 71 -4.42 -15.50 -25.25
CA ALA D 71 -5.10 -16.40 -24.29
C ALA D 71 -5.07 -15.75 -22.90
N VAL D 72 -6.23 -15.58 -22.27
CA VAL D 72 -6.33 -14.84 -20.98
C VAL D 72 -6.47 -15.84 -19.83
N GLY D 73 -5.35 -16.17 -19.21
CA GLY D 73 -5.38 -17.00 -18.00
C GLY D 73 -5.89 -16.14 -16.87
N PRO D 74 -6.41 -16.76 -15.81
CA PRO D 74 -6.82 -16.00 -14.65
C PRO D 74 -5.65 -15.47 -13.84
N ASN D 75 -5.85 -14.33 -13.22
CA ASN D 75 -4.94 -13.76 -12.20
C ASN D 75 -5.32 -14.36 -10.84
N PHE D 76 -4.49 -15.28 -10.32
CA PHE D 76 -4.77 -15.94 -9.03
C PHE D 76 -4.65 -14.97 -7.85
N SER D 77 -4.17 -13.74 -8.02
CA SER D 77 -4.41 -12.70 -7.01
C SER D 77 -5.91 -12.36 -6.88
N ASN D 78 -6.72 -12.58 -7.93
CA ASN D 78 -8.12 -12.11 -7.94
C ASN D 78 -9.07 -13.27 -7.71
N TYR D 79 -8.72 -14.45 -8.23
CA TYR D 79 -9.57 -15.65 -8.29
C TYR D 79 -9.19 -16.55 -7.13
N THR D 80 -10.17 -17.28 -6.62
CA THR D 80 -9.91 -18.39 -5.70
C THR D 80 -9.17 -19.49 -6.45
N GLU D 81 -8.55 -20.38 -5.70
CA GLU D 81 -7.92 -21.55 -6.32
C GLU D 81 -8.93 -22.30 -7.18
N SER D 82 -10.14 -22.54 -6.65
CA SER D 82 -11.18 -23.32 -7.35
C SER D 82 -11.62 -22.61 -8.65
N GLU D 83 -12.00 -21.33 -8.57
CA GLU D 83 -12.56 -20.65 -9.77
C GLU D 83 -11.41 -20.44 -10.77
N GLY D 84 -10.22 -20.10 -10.28
CA GLY D 84 -9.02 -19.92 -11.12
C GLY D 84 -8.68 -21.18 -11.87
N ASP D 85 -8.71 -22.34 -11.21
CA ASP D 85 -8.38 -23.62 -11.86
C ASP D 85 -9.26 -23.85 -13.07
N ARG D 86 -10.56 -23.59 -12.95
CA ARG D 86 -11.56 -23.79 -14.01
C ARG D 86 -11.20 -22.82 -15.18
N GLU D 87 -10.90 -21.56 -14.88
CA GLU D 87 -10.62 -20.54 -15.94
C GLU D 87 -9.30 -20.87 -16.61
N LEU D 88 -8.32 -21.43 -15.89
CA LEU D 88 -7.01 -21.77 -16.49
C LEU D 88 -7.26 -22.91 -17.46
N ALA D 89 -8.04 -23.94 -17.06
CA ALA D 89 -8.43 -25.04 -17.96
C ALA D 89 -9.11 -24.48 -19.21
N ALA D 90 -10.04 -23.54 -19.06
CA ALA D 90 -10.86 -22.99 -20.16
C ALA D 90 -9.94 -22.23 -21.13
N ALA D 91 -9.00 -21.47 -20.61
CA ALA D 91 -8.09 -20.66 -21.48
C ALA D 91 -7.37 -21.63 -22.41
N TYR D 92 -6.77 -22.68 -21.87
CA TYR D 92 -6.08 -23.68 -22.71
C TYR D 92 -7.02 -24.40 -23.68
N ARG D 93 -8.23 -24.78 -23.23
CA ARG D 93 -9.28 -25.39 -24.09
C ARG D 93 -9.49 -24.50 -25.32
N GLU D 94 -9.62 -23.18 -25.10
CA GLU D 94 -9.90 -22.21 -26.18
C GLU D 94 -8.65 -22.02 -27.07
N VAL D 95 -7.45 -22.08 -26.53
CA VAL D 95 -6.20 -22.12 -27.35
C VAL D 95 -6.24 -23.33 -28.30
N ALA D 96 -6.54 -24.53 -27.78
CA ALA D 96 -6.54 -25.78 -28.58
C ALA D 96 -7.52 -25.64 -29.74
N LYS D 97 -8.71 -25.09 -29.47
CA LYS D 97 -9.78 -24.91 -30.48
C LYS D 97 -9.30 -23.95 -31.57
N GLU D 98 -8.57 -22.89 -31.20
CA GLU D 98 -8.01 -21.91 -32.17
C GLU D 98 -6.89 -22.55 -33.01
N VAL D 99 -5.98 -23.28 -32.39
CA VAL D 99 -4.90 -24.02 -33.10
C VAL D 99 -5.52 -24.95 -34.14
N THR D 100 -6.49 -25.77 -33.76
CA THR D 100 -7.21 -26.69 -34.71
C THR D 100 -7.81 -25.85 -35.84
N ARG D 101 -8.52 -24.77 -35.50
CA ARG D 101 -9.30 -23.98 -36.51
C ARG D 101 -8.31 -23.38 -37.52
N LEU D 102 -7.16 -22.92 -37.05
CA LEU D 102 -6.14 -22.26 -37.91
C LEU D 102 -5.44 -23.29 -38.80
N GLY D 103 -5.50 -24.57 -38.46
CA GLY D 103 -4.86 -25.68 -39.22
C GLY D 103 -3.35 -25.58 -39.25
N VAL D 104 -2.74 -24.93 -38.27
CA VAL D 104 -1.28 -24.78 -38.20
C VAL D 104 -0.64 -26.14 -37.91
N ASN D 105 0.63 -26.27 -38.26
CA ASN D 105 1.43 -27.48 -38.00
C ASN D 105 2.11 -27.36 -36.63
N SER D 106 2.23 -26.14 -36.10
CA SER D 106 3.07 -25.90 -34.89
C SER D 106 2.57 -24.65 -34.19
N VAL D 107 2.80 -24.61 -32.88
CA VAL D 107 2.39 -23.46 -32.03
C VAL D 107 3.42 -23.29 -30.92
N ALA D 108 3.77 -22.03 -30.65
CA ALA D 108 4.64 -21.56 -29.57
C ALA D 108 3.71 -21.14 -28.44
N ILE D 109 3.91 -21.69 -27.23
N ILE D 109 3.87 -21.75 -27.26
CA ILE D 109 2.96 -21.49 -26.10
CA ILE D 109 2.97 -21.53 -26.08
C ILE D 109 3.71 -21.30 -24.80
C ILE D 109 3.79 -21.24 -24.83
N PRO D 110 3.34 -20.28 -24.00
CA PRO D 110 3.92 -20.10 -22.68
C PRO D 110 3.02 -20.80 -21.68
N LEU D 111 3.51 -20.95 -20.46
CA LEU D 111 2.68 -21.50 -19.34
C LEU D 111 1.85 -20.35 -18.77
N LEU D 112 0.55 -20.38 -19.06
CA LEU D 112 -0.38 -19.34 -18.64
C LEU D 112 -0.47 -19.30 -17.11
N SER D 113 -0.57 -18.12 -16.57
CA SER D 113 -0.85 -17.87 -15.12
C SER D 113 0.32 -18.28 -14.21
N THR D 114 1.54 -18.44 -14.75
CA THR D 114 2.75 -18.85 -13.97
C THR D 114 3.66 -17.67 -13.62
N GLY D 115 3.40 -16.49 -14.17
CA GLY D 115 4.18 -15.28 -13.91
C GLY D 115 3.47 -14.37 -12.94
N VAL D 116 3.22 -13.12 -13.33
CA VAL D 116 2.58 -12.11 -12.44
C VAL D 116 1.10 -12.48 -12.20
N TYR D 117 0.54 -13.45 -12.92
CA TYR D 117 -0.84 -13.93 -12.61
C TYR D 117 -0.81 -15.13 -11.67
N SER D 118 0.36 -15.50 -11.12
CA SER D 118 0.47 -16.76 -10.32
C SER D 118 -0.01 -16.58 -8.89
N GLY D 119 -0.28 -15.36 -8.43
CA GLY D 119 -0.66 -15.07 -7.04
C GLY D 119 0.46 -15.50 -6.10
N GLY D 120 1.71 -15.41 -6.57
CA GLY D 120 2.91 -15.70 -5.75
C GLY D 120 3.16 -17.19 -5.54
N LYS D 121 2.44 -18.06 -6.25
CA LYS D 121 2.55 -19.52 -6.09
C LYS D 121 3.27 -20.11 -7.30
N ASP D 122 3.93 -21.26 -7.10
CA ASP D 122 4.57 -22.05 -8.18
C ASP D 122 3.46 -22.87 -8.83
N ARG D 123 3.09 -22.51 -10.06
CA ARG D 123 2.01 -23.13 -10.83
C ARG D 123 2.55 -23.84 -12.09
N LEU D 124 3.81 -24.27 -12.10
CA LEU D 124 4.36 -25.00 -13.28
C LEU D 124 3.54 -26.26 -13.55
N THR D 125 3.37 -27.15 -12.56
CA THR D 125 2.70 -28.45 -12.79
C THR D 125 1.23 -28.22 -13.14
N GLN D 126 0.58 -27.32 -12.42
CA GLN D 126 -0.86 -27.01 -12.67
C GLN D 126 -1.03 -26.50 -14.10
N SER D 127 -0.26 -25.48 -14.46
CA SER D 127 -0.38 -24.86 -15.82
C SER D 127 -0.04 -25.87 -16.93
N LEU D 128 1.03 -26.64 -16.75
CA LEU D 128 1.47 -27.63 -17.75
C LEU D 128 0.42 -28.74 -17.86
N ASN D 129 -0.23 -29.17 -16.77
CA ASN D 129 -1.25 -30.24 -16.87
C ASN D 129 -2.46 -29.78 -17.68
N HIS D 130 -2.96 -28.56 -17.48
CA HIS D 130 -4.07 -28.00 -18.27
C HIS D 130 -3.63 -27.88 -19.75
N LEU D 131 -2.38 -27.48 -19.97
CA LEU D 131 -1.79 -27.37 -21.35
C LEU D 131 -1.87 -28.75 -22.03
N PHE D 132 -1.38 -29.81 -21.39
CA PHE D 132 -1.37 -31.16 -22.01
C PHE D 132 -2.81 -31.60 -22.29
N THR D 133 -3.71 -31.41 -21.32
CA THR D 133 -5.12 -31.85 -21.45
C THR D 133 -5.74 -31.21 -22.67
N ALA D 134 -5.54 -29.91 -22.86
CA ALA D 134 -6.15 -29.18 -23.99
C ALA D 134 -5.43 -29.57 -25.29
N MET D 135 -4.11 -29.51 -25.28
CA MET D 135 -3.37 -29.58 -26.56
C MET D 135 -3.33 -31.04 -27.02
N ASP D 136 -3.58 -32.01 -26.13
CA ASP D 136 -3.62 -33.43 -26.57
C ASP D 136 -4.70 -33.63 -27.62
N SER D 137 -5.69 -32.74 -27.73
CA SER D 137 -6.83 -32.86 -28.68
C SER D 137 -6.46 -32.32 -30.07
N THR D 138 -5.27 -31.72 -30.22
CA THR D 138 -4.74 -31.15 -31.49
C THR D 138 -3.62 -32.05 -32.05
N ASP D 139 -3.37 -31.99 -33.36
CA ASP D 139 -2.31 -32.77 -34.05
C ASP D 139 -1.03 -31.91 -34.23
N ALA D 140 -1.00 -30.70 -33.65
CA ALA D 140 0.10 -29.73 -33.85
C ALA D 140 1.33 -30.13 -33.04
N ASP D 141 2.51 -29.78 -33.57
CA ASP D 141 3.78 -29.72 -32.80
C ASP D 141 3.68 -28.55 -31.83
N VAL D 142 3.72 -28.84 -30.54
CA VAL D 142 3.62 -27.80 -29.49
C VAL D 142 5.01 -27.55 -28.96
N VAL D 143 5.43 -26.30 -28.91
CA VAL D 143 6.73 -25.88 -28.35
C VAL D 143 6.48 -24.90 -27.20
N ILE D 144 6.81 -25.34 -25.98
CA ILE D 144 6.60 -24.57 -24.74
C ILE D 144 7.82 -23.70 -24.52
N TYR D 145 7.61 -22.41 -24.28
CA TYR D 145 8.70 -21.43 -24.06
C TYR D 145 8.77 -21.06 -22.57
N CYS D 146 9.96 -21.11 -21.99
CA CYS D 146 10.26 -20.67 -20.60
C CYS D 146 11.54 -19.83 -20.61
N ARG D 147 11.81 -19.20 -19.47
CA ARG D 147 12.86 -18.18 -19.27
C ARG D 147 13.62 -18.51 -17.99
N ASP D 148 13.79 -19.81 -17.70
CA ASP D 148 14.54 -20.26 -16.48
C ASP D 148 14.98 -21.71 -16.64
N LYS D 149 16.22 -22.04 -16.26
CA LYS D 149 16.80 -23.39 -16.52
C LYS D 149 16.10 -24.47 -15.70
N GLU D 150 15.71 -24.12 -14.47
CA GLU D 150 14.94 -25.01 -13.55
C GLU D 150 13.58 -25.32 -14.18
N TRP D 151 12.87 -24.29 -14.65
CA TRP D 151 11.56 -24.43 -15.33
C TRP D 151 11.72 -25.36 -16.55
N GLU D 152 12.73 -25.11 -17.39
CA GLU D 152 13.03 -25.95 -18.58
C GLU D 152 13.23 -27.40 -18.15
N LYS D 153 14.08 -27.63 -17.16
CA LYS D 153 14.39 -29.03 -16.71
C LYS D 153 13.09 -29.72 -16.32
N LYS D 154 12.29 -29.04 -15.49
CA LYS D 154 11.01 -29.57 -14.92
C LYS D 154 10.01 -29.80 -16.05
N ILE D 155 9.86 -28.85 -16.99
CA ILE D 155 8.95 -29.05 -18.15
C ILE D 155 9.43 -30.23 -19.00
N SER D 156 10.74 -30.28 -19.31
CA SER D 156 11.34 -31.41 -20.07
C SER D 156 11.03 -32.75 -19.39
N GLU D 157 11.22 -32.81 -18.07
CA GLU D 157 10.96 -34.06 -17.29
C GLU D 157 9.49 -34.42 -17.40
N ALA D 158 8.58 -33.44 -17.27
CA ALA D 158 7.13 -33.71 -17.36
C ALA D 158 6.80 -34.25 -18.76
N ILE D 159 7.42 -33.72 -19.82
CA ILE D 159 7.18 -34.20 -21.20
C ILE D 159 7.67 -35.66 -21.28
N GLN D 160 8.89 -35.90 -20.79
CA GLN D 160 9.54 -37.24 -20.87
C GLN D 160 8.64 -38.30 -20.20
N MET D 161 8.02 -37.98 -19.06
CA MET D 161 7.35 -39.00 -18.22
C MET D 161 6.00 -39.46 -18.82
N ARG D 162 5.37 -38.69 -19.70
CA ARG D 162 4.05 -39.11 -20.28
C ARG D 162 4.26 -40.07 -21.46
N THR D 163 5.47 -40.07 -22.04
CA THR D 163 5.78 -40.79 -23.30
C THR D 163 6.11 -42.27 -22.97
S DMS E . 6.13 -3.62 5.52
O DMS E . 6.35 -3.29 4.02
C1 DMS E . 7.19 -2.62 6.43
C2 DMS E . 7.00 -5.16 5.81
S DMS F . 25.78 0.57 3.39
O DMS F . 24.61 0.26 4.28
C1 DMS F . 25.17 0.43 1.73
C2 DMS F . 26.78 -0.90 3.41
S DMS G . 27.06 7.06 14.14
O DMS G . 26.89 7.77 12.82
C1 DMS G . 26.38 8.13 15.38
C2 DMS G . 28.76 7.23 14.59
C TRS H . 31.02 8.38 -11.00
C1 TRS H . 30.31 9.63 -10.46
C2 TRS H . 30.03 7.44 -11.69
C3 TRS H . 32.13 8.77 -11.98
N TRS H . 31.63 7.66 -9.84
O1 TRS H . 31.18 10.51 -9.73
O2 TRS H . 29.38 8.03 -12.80
O3 TRS H . 33.12 7.77 -12.11
S DMS I . 11.50 7.04 -11.99
O DMS I . 11.23 8.15 -11.00
C1 DMS I . 11.60 5.55 -11.06
C2 DMS I . 13.22 7.14 -12.43
S DMS J . 24.36 5.68 7.77
O DMS J . 24.14 6.30 6.41
C1 DMS J . 23.51 4.12 7.76
C2 DMS J . 23.27 6.56 8.87
S DMS K . 15.85 20.51 14.02
O DMS K . 14.59 20.16 13.33
C1 DMS K . 15.50 20.37 15.77
C2 DMS K . 16.10 22.27 13.85
CL CL L . 27.00 4.62 5.47
CL CL M . 23.28 8.84 13.60
CL CL N . 12.22 4.60 15.50
S DMS O . 42.25 4.64 1.07
O DMS O . 43.46 5.41 0.63
C1 DMS O . 42.01 5.02 2.78
C2 DMS O . 42.78 2.96 1.25
S DMS P . 14.68 7.09 18.56
O DMS P . 15.52 6.40 17.51
C1 DMS P . 12.99 6.91 18.04
C2 DMS P . 14.62 6.01 19.97
S DMS Q . -4.08 -2.61 26.31
O DMS Q . -3.44 -1.25 26.24
C1 DMS Q . -3.79 -3.39 24.74
C2 DMS Q . -5.82 -2.37 26.14
S DMS R . 2.32 -1.18 28.30
O DMS R . 3.45 -0.37 27.75
C1 DMS R . 1.43 -0.11 29.40
C2 DMS R . 3.07 -2.19 29.54
S DMS S . -8.55 -7.87 27.04
O DMS S . -8.40 -6.41 27.38
C1 DMS S . -10.21 -8.04 26.45
C2 DMS S . -8.72 -8.74 28.57
CL CL T . -9.71 -4.72 24.36
CL CL U . -2.25 -1.87 30.13
CL CL V . -8.83 -0.29 10.51
CL CL W . -12.38 9.93 0.17
S DMS X . -34.43 4.88 -1.96
O DMS X . -33.53 3.74 -1.56
C1 DMS X . -33.58 5.74 -3.25
C2 DMS X . -34.25 6.12 -0.69
S DMS Y . -15.43 8.59 4.05
O DMS Y . -14.85 7.75 2.94
C1 DMS Y . -16.81 7.68 4.69
C2 DMS Y . -16.35 9.89 3.25
S DMS Z . 2.11 -1.04 -3.75
O DMS Z . 2.16 0.22 -2.90
C1 DMS Z . 1.70 -2.37 -2.64
C2 DMS Z . 3.78 -1.52 -4.08
C4 UUS AA . -12.38 14.69 -5.63
C5 UUS AA . -13.05 15.76 -6.23
C6 UUS AA . -13.76 15.63 -7.38
N UUS AA . -13.17 13.32 -7.40
C UUS AA . -13.84 14.37 -8.04
O UUS AA . -14.44 14.18 -9.09
C1 UUS AA . -13.24 11.99 -8.00
C2 UUS AA . -14.24 11.10 -7.28
C3 UUS AA . -12.46 13.50 -6.25
O1 UUS AA . -14.19 9.77 -7.74
BR UUS AA . -13.00 17.44 -5.38
C TRS BA . -16.08 -17.15 -18.87
C1 TRS BA . -17.41 -16.66 -18.31
C2 TRS BA . -15.88 -18.63 -18.51
C3 TRS BA . -16.01 -16.95 -20.39
N TRS BA . -14.97 -16.35 -18.23
O1 TRS BA . -17.45 -16.75 -16.89
O2 TRS BA . -14.71 -19.18 -19.09
O3 TRS BA . -16.51 -15.69 -20.84
S DMS CA . 10.24 -5.73 -34.34
O DMS CA . 10.49 -6.95 -33.46
C1 DMS CA . 10.18 -4.34 -33.24
C2 DMS CA . 8.51 -5.74 -34.84
S DMS DA . 0.08 -10.38 -17.59
O DMS DA . -0.46 -9.84 -18.89
C1 DMS DA . 1.84 -10.19 -17.67
C2 DMS DA . 0.00 -12.16 -17.71
S DMS EA . -8.92 -14.78 -37.38
O DMS EA . -7.98 -15.96 -37.32
C1 DMS EA . -7.97 -13.36 -36.94
C2 DMS EA . -9.94 -14.85 -35.91
CL CL FA . 1.28 -14.83 -16.09
C4 UUS GA . 7.48 -18.22 -14.67
C4 UUS GA . 9.86 -19.17 -15.46
C5 UUS GA . 8.86 -18.20 -14.34
C5 UUS GA . 9.01 -18.38 -14.65
C6 UUS GA . 9.80 -18.74 -15.15
C6 UUS GA . 7.73 -18.11 -14.99
N UUS GA . 8.06 -19.42 -16.64
N UUS GA . 8.01 -19.46 -16.94
C UUS GA . 9.43 -19.40 -16.37
C UUS GA . 7.18 -18.64 -16.19
O UUS GA . 10.22 -19.91 -17.15
O UUS GA . 6.04 -18.39 -16.61
C1 UUS GA . 7.60 -20.19 -17.82
C1 UUS GA . 7.43 -20.22 -18.05
C2 UUS GA . 6.45 -19.50 -18.53
C2 UUS GA . 6.94 -19.33 -19.18
C3 UUS GA . 7.14 -18.83 -15.82
C3 UUS GA . 9.32 -19.68 -16.58
O1 UUS GA . 6.38 -19.89 -19.89
O1 UUS GA . 6.14 -20.07 -20.08
BR UUS GA . 9.36 -17.44 -12.69
BR UUS GA . 9.65 -17.82 -12.97
#